data_6U6U
#
_entry.id   6U6U
#
_cell.length_a   60.698
_cell.length_b   70.663
_cell.length_c   233.268
_cell.angle_alpha   90.000
_cell.angle_beta   90.000
_cell.angle_gamma   90.000
#
_symmetry.space_group_name_H-M   'P 21 21 21'
#
loop_
_entity.id
_entity.type
_entity.pdbx_description
1 polymer 'BI00655130 Fab heavy chain'
2 polymer 'BI00655130 Fab light chain'
3 polymer 'Interleukin-1 receptor-like 2'
4 branched 2-acetamido-2-deoxy-beta-D-glucopyranose-(1-4)-2-acetamido-2-deoxy-beta-D-glucopyranose
5 non-polymer 'SODIUM ION'
6 non-polymer 2-acetamido-2-deoxy-beta-D-glucopyranose
7 water water
#
loop_
_entity_poly.entity_id
_entity_poly.type
_entity_poly.pdbx_seq_one_letter_code
_entity_poly.pdbx_strand_id
1 'polypeptide(L)'
;QVQLVQSGAEVKKPGASVKVSCKASGYSFTSSWIHWVKQAPGQGLEWMGEINPGNVRTNYNENFRNKVTMTVDTSISTAY
MELSRLRSDDTAVYYCTVVFYGEPYFPYWGQGTLVTVSSASTKGPSVFPLAPSSKSTSGGTAALGCLVKDYFPEPVTVSW
NSGALTSGVHTFPAVLQSSGLYSLSSVVTVPSSSLGTQTYICNVNHKPSNTKVDKRVEPKS
;
H
2 'polypeptide(L)'
;QIVLTQSPGTLSLSPGERATMTCTASSSVSSSYFHWYQQKPGQAPRLWIYRTSRLASGVPDRFSGSGSGTDFTLTISRLE
PEDAATYYCHQFHRSPLTFGAGTKLEIKRTVAAPSVFIFPPSDEQLKSGTASVVCLLNNFYPREAKVQWKVDNALQSGNS
QESVTEQDSKDSTYSLSSTLTLSKADYEKHKVYACEVTHQGLSSPVTKSFNRGEC
;
L
3 'polypeptide(L)'
;GCKDIFMKNEILSASQPFAFNCTFPPITSGEVSVTWYKNSSKIPVSKIIQSRIHQDETWILFLPMEWGDSGVYQCVIKGR
DSCHRIHVNLTVFEKHWCDTSIGGLPNLSDEYKQILHLGKDDSLTCHLHFPKSCVLGPIKWYKDCNEIKGERFTVLETRL
LVSNVSAEDRGNYACQAILTHSGKQYEVLNGITVSHH
;
R
#
loop_
_chem_comp.id
_chem_comp.type
_chem_comp.name
_chem_comp.formula
NA non-polymer 'SODIUM ION' 'Na 1'
NAG D-saccharide, beta linking 2-acetamido-2-deoxy-beta-D-glucopyranose 'C8 H15 N O6'
#
# COMPACT_ATOMS: atom_id res chain seq x y z
N GLN A 1 -3.89 -5.93 -15.60
CA GLN A 1 -3.90 -5.43 -14.22
C GLN A 1 -2.53 -5.57 -13.59
N VAL A 2 -2.07 -4.50 -12.94
CA VAL A 2 -0.74 -4.45 -12.36
C VAL A 2 -0.60 -5.44 -11.24
N GLN A 3 0.45 -6.25 -11.29
CA GLN A 3 0.67 -7.23 -10.23
C GLN A 3 2.12 -7.28 -9.82
N LEU A 4 2.34 -7.44 -8.51
CA LEU A 4 3.66 -7.60 -7.96
C LEU A 4 3.65 -8.87 -7.08
N VAL A 5 4.47 -9.85 -7.41
CA VAL A 5 4.54 -11.09 -6.64
C VAL A 5 5.91 -11.26 -6.02
N GLN A 6 5.95 -11.37 -4.69
CA GLN A 6 7.24 -11.40 -4.00
C GLN A 6 7.66 -12.84 -3.67
N SER A 7 8.95 -13.03 -3.45
CA SER A 7 9.46 -14.33 -3.04
C SER A 7 9.04 -14.69 -1.62
N GLY A 8 9.16 -15.96 -1.26
CA GLY A 8 8.69 -16.43 0.04
C GLY A 8 9.56 -16.02 1.22
N ALA A 9 9.00 -16.17 2.42
CA ALA A 9 9.74 -15.88 3.65
C ALA A 9 11.04 -16.64 3.73
N GLU A 10 11.98 -16.10 4.48
CA GLU A 10 13.29 -16.73 4.64
C GLU A 10 13.82 -16.44 6.02
N VAL A 11 14.62 -17.35 6.54
CA VAL A 11 15.39 -17.07 7.75
C VAL A 11 16.86 -17.01 7.35
N LYS A 12 17.61 -16.09 7.98
CA LYS A 12 19.03 -15.97 7.73
C LYS A 12 19.77 -15.72 9.04
N LYS A 13 21.02 -16.14 9.11
CA LYS A 13 21.80 -15.97 10.34
C LYS A 13 22.36 -14.57 10.37
N PRO A 14 22.61 -14.03 11.58
CA PRO A 14 23.24 -12.72 11.78
C PRO A 14 24.52 -12.58 10.95
N GLY A 15 24.75 -11.45 10.31
CA GLY A 15 25.92 -11.28 9.47
C GLY A 15 25.76 -11.71 8.01
N ALA A 16 24.78 -12.55 7.73
CA ALA A 16 24.57 -13.01 6.35
C ALA A 16 23.83 -11.94 5.56
N SER A 17 23.42 -12.31 4.35
CA SER A 17 22.66 -11.38 3.54
C SER A 17 21.46 -12.12 2.96
N VAL A 18 20.44 -11.36 2.58
CA VAL A 18 19.23 -11.92 2.00
C VAL A 18 18.83 -11.04 0.82
N LYS A 19 18.22 -11.68 -0.17
CA LYS A 19 17.84 -11.01 -1.39
C LYS A 19 16.41 -11.33 -1.73
N VAL A 20 15.53 -10.35 -1.53
CA VAL A 20 14.11 -10.53 -1.79
C VAL A 20 13.79 -10.12 -3.23
N SER A 21 12.96 -10.91 -3.91
CA SER A 21 12.55 -10.62 -5.28
C SER A 21 11.12 -10.12 -5.35
N CYS A 22 10.86 -9.35 -6.40
CA CYS A 22 9.57 -8.77 -6.68
C CYS A 22 9.33 -8.90 -8.19
N LYS A 23 8.45 -9.81 -8.58
CA LYS A 23 8.18 -10.06 -9.99
C LYS A 23 6.96 -9.26 -10.45
N ALA A 24 7.14 -8.46 -11.50
CA ALA A 24 6.12 -7.54 -11.98
C ALA A 24 5.44 -8.01 -13.28
N SER A 25 4.16 -7.69 -13.40
CA SER A 25 3.45 -7.88 -14.67
C SER A 25 2.29 -6.92 -14.80
N GLY A 26 1.78 -6.75 -16.02
CA GLY A 26 0.64 -5.89 -16.27
C GLY A 26 0.97 -4.48 -16.72
N TYR A 27 2.23 -4.20 -17.01
CA TYR A 27 2.67 -2.86 -17.42
C TYR A 27 4.08 -2.92 -17.95
N SER A 28 4.50 -1.84 -18.58
CA SER A 28 5.86 -1.70 -19.08
C SER A 28 6.85 -1.52 -17.92
N PHE A 29 7.59 -2.58 -17.62
CA PHE A 29 8.48 -2.63 -16.45
C PHE A 29 9.48 -1.45 -16.39
N THR A 30 10.04 -1.04 -17.53
CA THR A 30 11.08 -0.02 -17.49
C THR A 30 10.49 1.39 -17.37
N SER A 31 9.18 1.51 -17.46
CA SER A 31 8.52 2.82 -17.38
C SER A 31 7.94 3.09 -15.99
N SER A 32 8.72 2.92 -14.95
CA SER A 32 8.16 3.00 -13.62
C SER A 32 9.26 3.15 -12.60
N TRP A 33 8.90 3.47 -11.37
CA TRP A 33 9.86 3.37 -10.26
C TRP A 33 9.35 2.30 -9.31
N ILE A 34 10.23 1.40 -8.90
CA ILE A 34 9.91 0.41 -7.91
C ILE A 34 10.39 0.90 -6.54
N HIS A 35 9.52 0.88 -5.54
CA HIS A 35 9.90 1.25 -4.19
C HIS A 35 9.87 0.03 -3.24
N TRP A 36 10.68 0.09 -2.18
CA TRP A 36 10.65 -0.95 -1.15
C TRP A 36 10.31 -0.35 0.20
N VAL A 37 9.45 -1.06 0.92
CA VAL A 37 8.96 -0.57 2.19
C VAL A 37 9.11 -1.62 3.28
N LYS A 38 9.61 -1.18 4.44
CA LYS A 38 9.87 -2.03 5.58
C LYS A 38 8.81 -1.86 6.65
N GLN A 39 8.26 -2.99 7.10
CA GLN A 39 7.34 -2.99 8.23
C GLN A 39 7.85 -3.93 9.32
N ALA A 40 8.47 -3.36 10.34
CA ALA A 40 8.95 -4.13 11.49
C ALA A 40 7.76 -4.61 12.31
N PRO A 41 7.88 -5.82 12.93
CA PRO A 41 6.74 -6.43 13.62
C PRO A 41 6.10 -5.47 14.64
N GLY A 42 4.81 -5.23 14.50
CA GLY A 42 4.12 -4.30 15.36
C GLY A 42 4.30 -2.83 15.04
N GLN A 43 5.32 -2.50 14.25
CA GLN A 43 5.58 -1.10 13.89
C GLN A 43 4.84 -0.69 12.62
N GLY A 44 5.05 0.55 12.19
CA GLY A 44 4.39 1.06 11.01
C GLY A 44 5.23 0.84 9.76
N LEU A 45 5.28 1.85 8.90
CA LEU A 45 5.87 1.68 7.58
C LEU A 45 7.10 2.54 7.42
N GLU A 46 8.18 1.94 6.95
CA GLU A 46 9.38 2.72 6.71
C GLU A 46 9.87 2.61 5.26
N TRP A 47 9.99 3.76 4.58
CA TRP A 47 10.44 3.79 3.17
C TRP A 47 11.94 3.57 3.03
N MET A 48 12.34 2.62 2.19
CA MET A 48 13.75 2.26 2.08
C MET A 48 14.44 2.90 0.86
N GLY A 49 13.72 3.00 -0.25
CA GLY A 49 14.26 3.60 -1.45
C GLY A 49 13.49 3.23 -2.70
N GLU A 50 13.99 3.68 -3.83
CA GLU A 50 13.31 3.54 -5.12
C GLU A 50 14.35 3.21 -6.18
N ILE A 51 13.96 2.45 -7.19
CA ILE A 51 14.80 2.16 -8.34
C ILE A 51 13.97 2.29 -9.62
N ASN A 52 14.59 2.90 -10.62
CA ASN A 52 14.02 3.11 -11.95
C ASN A 52 14.59 2.06 -12.91
N PRO A 53 13.79 1.06 -13.33
CA PRO A 53 14.44 0.01 -14.13
C PRO A 53 14.88 0.52 -15.50
N GLY A 54 14.44 1.72 -15.86
CA GLY A 54 14.78 2.27 -17.15
C GLY A 54 16.24 2.70 -17.25
N ASN A 55 16.70 3.48 -16.29
CA ASN A 55 18.09 3.95 -16.29
C ASN A 55 18.89 3.36 -15.13
N VAL A 56 18.24 2.44 -14.41
CA VAL A 56 18.76 1.76 -13.22
C VAL A 56 19.28 2.74 -12.14
N ARG A 57 18.71 3.95 -12.11
CA ARG A 57 18.96 4.87 -11.02
C ARG A 57 18.33 4.37 -9.71
N THR A 58 19.04 4.58 -8.61
CA THR A 58 18.59 4.24 -7.27
C THR A 58 18.65 5.46 -6.33
N ASN A 59 17.63 5.65 -5.50
CA ASN A 59 17.68 6.65 -4.43
C ASN A 59 17.32 5.94 -3.14
N TYR A 60 18.26 5.87 -2.20
CA TYR A 60 18.04 5.16 -0.95
C TYR A 60 17.72 6.11 0.17
N ASN A 61 16.78 5.72 1.03
CA ASN A 61 16.66 6.35 2.34
C ASN A 61 18.04 6.24 2.96
N GLU A 62 18.58 7.35 3.39
CA GLU A 62 19.91 7.24 3.91
C GLU A 62 19.99 6.39 5.20
N ASN A 63 18.87 6.11 5.86
CA ASN A 63 18.92 5.17 6.97
C ASN A 63 19.18 3.73 6.51
N PHE A 64 19.24 3.52 5.19
CA PHE A 64 19.47 2.17 4.67
C PHE A 64 20.66 2.17 3.71
N ARG A 65 21.32 3.32 3.66
CA ARG A 65 22.46 3.59 2.79
C ARG A 65 23.43 2.41 2.65
N ASN A 66 23.90 1.89 3.76
CA ASN A 66 24.88 0.80 3.71
C ASN A 66 24.26 -0.56 3.99
N LYS A 67 22.94 -0.63 3.96
CA LYS A 67 22.22 -1.86 4.30
C LYS A 67 21.64 -2.50 3.05
N VAL A 68 21.01 -1.70 2.20
CA VAL A 68 20.19 -2.22 1.11
C VAL A 68 20.84 -2.00 -0.27
N THR A 69 20.62 -2.94 -1.17
CA THR A 69 21.06 -2.76 -2.54
C THR A 69 19.94 -3.15 -3.46
N MET A 70 19.48 -2.19 -4.27
CA MET A 70 18.38 -2.44 -5.20
C MET A 70 18.89 -2.72 -6.60
N THR A 71 18.38 -3.78 -7.20
CA THR A 71 18.73 -4.16 -8.56
C THR A 71 17.49 -4.60 -9.32
N VAL A 72 17.64 -4.75 -10.64
CA VAL A 72 16.57 -5.31 -11.45
C VAL A 72 17.13 -6.29 -12.46
N ASP A 73 16.31 -7.27 -12.82
CA ASP A 73 16.55 -8.09 -14.00
C ASP A 73 15.37 -7.84 -14.92
N THR A 74 15.56 -6.93 -15.86
CA THR A 74 14.48 -6.49 -16.72
C THR A 74 13.97 -7.58 -17.67
N SER A 75 14.86 -8.51 -18.04
CA SER A 75 14.46 -9.58 -18.96
C SER A 75 13.37 -10.47 -18.37
N ILE A 76 13.30 -10.55 -17.04
CA ILE A 76 12.20 -11.26 -16.39
C ILE A 76 11.33 -10.34 -15.51
N SER A 77 11.37 -9.04 -15.77
CA SER A 77 10.55 -8.07 -15.06
C SER A 77 10.62 -8.23 -13.53
N THR A 78 11.83 -8.41 -13.00
CA THR A 78 11.98 -8.66 -11.58
C THR A 78 12.88 -7.64 -10.89
N ALA A 79 12.40 -7.13 -9.76
CA ALA A 79 13.19 -6.22 -8.94
C ALA A 79 13.73 -6.99 -7.73
N TYR A 80 14.97 -6.69 -7.34
CA TYR A 80 15.56 -7.38 -6.19
C TYR A 80 15.95 -6.36 -5.11
N MET A 81 15.74 -6.77 -3.87
CA MET A 81 16.11 -5.98 -2.72
C MET A 81 17.03 -6.79 -1.82
N GLU A 82 18.30 -6.41 -1.77
CA GLU A 82 19.26 -7.17 -1.00
C GLU A 82 19.65 -6.45 0.28
N LEU A 83 19.57 -7.17 1.39
CA LEU A 83 20.02 -6.64 2.67
C LEU A 83 21.33 -7.30 3.05
N SER A 84 22.30 -6.51 3.51
CA SER A 84 23.58 -7.10 3.87
C SER A 84 23.85 -6.97 5.37
N ARG A 85 24.72 -7.84 5.88
CA ARG A 85 25.14 -7.85 7.28
C ARG A 85 23.95 -7.80 8.23
N LEU A 86 23.12 -8.83 8.12
CA LEU A 86 21.85 -8.87 8.85
C LEU A 86 22.04 -8.77 10.35
N ARG A 87 21.15 -8.00 10.98
CA ARG A 87 21.02 -7.93 12.42
C ARG A 87 19.57 -8.25 12.80
N SER A 88 19.29 -8.29 14.09
CA SER A 88 17.94 -8.65 14.54
C SER A 88 16.91 -7.61 14.07
N ASP A 89 17.29 -6.34 14.06
CA ASP A 89 16.32 -5.31 13.72
C ASP A 89 16.05 -5.24 12.20
N ASP A 90 16.64 -6.17 11.44
CA ASP A 90 16.28 -6.33 10.04
C ASP A 90 15.12 -7.27 9.91
N THR A 91 14.75 -7.93 11.00
CA THR A 91 13.57 -8.81 11.00
C THR A 91 12.35 -7.94 10.76
N ALA A 92 11.62 -8.23 9.69
CA ALA A 92 10.50 -7.40 9.27
C ALA A 92 9.82 -7.98 8.06
N VAL A 93 8.65 -7.44 7.74
CA VAL A 93 8.00 -7.75 6.47
C VAL A 93 8.47 -6.69 5.46
N TYR A 94 8.87 -7.11 4.26
CA TYR A 94 9.25 -6.16 3.22
C TYR A 94 8.26 -6.18 2.07
N TYR A 95 7.91 -4.98 1.62
CA TYR A 95 6.96 -4.80 0.52
C TYR A 95 7.61 -4.10 -0.63
N CYS A 96 7.36 -4.57 -1.85
CA CYS A 96 7.67 -3.75 -3.02
C CYS A 96 6.41 -3.07 -3.48
N THR A 97 6.55 -1.84 -4.00
CA THR A 97 5.46 -1.14 -4.68
C THR A 97 5.99 -0.59 -5.99
N VAL A 98 5.08 -0.11 -6.84
CA VAL A 98 5.45 0.47 -8.13
C VAL A 98 4.69 1.79 -8.32
N VAL A 99 5.37 2.77 -8.92
CA VAL A 99 4.82 4.11 -9.10
C VAL A 99 4.89 4.52 -10.58
N PHE A 100 3.86 5.22 -11.07
CA PHE A 100 3.83 5.65 -12.47
C PHE A 100 3.82 7.17 -12.62
N TYR A 101 4.28 7.63 -13.78
CA TYR A 101 4.45 9.05 -14.08
C TYR A 101 3.15 9.81 -13.89
N GLY A 102 3.18 10.82 -13.04
CA GLY A 102 1.99 11.62 -12.82
C GLY A 102 1.07 11.06 -11.75
N GLU A 103 1.50 10.00 -11.08
CA GLU A 103 0.70 9.33 -10.06
C GLU A 103 1.53 9.09 -8.81
N PRO A 104 1.87 10.17 -8.11
CA PRO A 104 2.82 10.04 -7.00
C PRO A 104 2.20 9.44 -5.72
N TYR A 105 1.88 8.16 -5.78
CA TYR A 105 1.35 7.45 -4.63
C TYR A 105 1.50 5.95 -4.89
N PHE A 106 1.08 5.10 -3.95
CA PHE A 106 1.29 3.66 -4.00
C PHE A 106 -0.02 2.83 -4.12
N PRO A 107 -0.54 2.64 -5.34
CA PRO A 107 -1.78 1.88 -5.49
C PRO A 107 -1.51 0.39 -5.56
N TYR A 108 -0.31 -0.04 -5.93
CA TYR A 108 -0.07 -1.46 -6.08
C TYR A 108 1.05 -1.98 -5.19
N TRP A 109 0.74 -3.02 -4.44
CA TRP A 109 1.70 -3.59 -3.50
C TRP A 109 1.95 -5.07 -3.76
N GLY A 110 3.18 -5.51 -3.50
CA GLY A 110 3.45 -6.93 -3.41
C GLY A 110 2.75 -7.44 -2.15
N GLN A 111 2.79 -8.75 -1.94
CA GLN A 111 2.05 -9.34 -0.81
C GLN A 111 2.89 -9.32 0.45
N GLY A 112 4.16 -8.99 0.34
CA GLY A 112 5.01 -8.92 1.52
C GLY A 112 5.90 -10.14 1.67
N THR A 113 7.10 -9.93 2.19
CA THR A 113 8.02 -11.02 2.47
C THR A 113 8.57 -10.85 3.88
N LEU A 114 8.33 -11.85 4.74
CA LEU A 114 8.87 -11.85 6.10
C LEU A 114 10.27 -12.46 6.11
N VAL A 115 11.23 -11.66 6.55
CA VAL A 115 12.60 -12.06 6.66
C VAL A 115 12.94 -12.10 8.15
N THR A 116 13.36 -13.27 8.64
CA THR A 116 13.70 -13.41 10.04
C THR A 116 15.20 -13.61 10.17
N VAL A 117 15.82 -12.83 11.05
CA VAL A 117 17.23 -13.00 11.33
C VAL A 117 17.45 -13.79 12.63
N SER A 118 18.01 -14.98 12.52
CA SER A 118 18.12 -15.85 13.67
C SER A 118 19.21 -16.87 13.49
N SER A 119 19.80 -17.28 14.61
CA SER A 119 20.78 -18.35 14.59
C SER A 119 20.12 -19.71 14.61
N ALA A 120 18.88 -19.77 15.07
CA ALA A 120 18.20 -21.06 15.21
C ALA A 120 17.89 -21.64 13.85
N SER A 121 17.90 -22.96 13.74
CA SER A 121 17.71 -23.61 12.44
C SER A 121 16.24 -23.67 12.07
N THR A 122 15.96 -23.64 10.77
CA THR A 122 14.61 -23.82 10.24
C THR A 122 14.04 -25.18 10.66
N LYS A 123 12.75 -25.20 11.00
CA LYS A 123 12.05 -26.46 11.18
C LYS A 123 10.64 -26.42 10.60
N GLY A 124 10.29 -27.42 9.80
CA GLY A 124 8.95 -27.53 9.25
C GLY A 124 7.96 -28.06 10.28
N PRO A 125 6.70 -27.62 10.18
CA PRO A 125 5.64 -28.01 11.12
C PRO A 125 5.12 -29.43 10.92
N SER A 126 4.57 -30.00 11.99
CA SER A 126 3.72 -31.16 11.89
C SER A 126 2.28 -30.64 11.81
N VAL A 127 1.45 -31.29 10.99
CA VAL A 127 0.05 -30.87 10.85
C VAL A 127 -0.88 -31.97 11.35
N PHE A 128 -1.72 -31.63 12.33
CA PHE A 128 -2.63 -32.59 12.91
C PHE A 128 -4.06 -32.12 12.73
N PRO A 129 -4.98 -33.06 12.44
CA PRO A 129 -6.40 -32.72 12.27
C PRO A 129 -7.08 -32.37 13.59
N LEU A 130 -8.06 -31.48 13.51
CA LEU A 130 -8.96 -31.19 14.60
C LEU A 130 -10.34 -31.65 14.12
N ALA A 131 -10.62 -32.91 14.41
CA ALA A 131 -11.80 -33.61 13.90
C ALA A 131 -13.08 -33.07 14.49
N PRO A 132 -14.07 -32.82 13.63
CA PRO A 132 -15.40 -32.46 14.11
C PRO A 132 -16.07 -33.66 14.75
N SER A 133 -16.69 -33.47 15.92
CA SER A 133 -17.44 -34.54 16.57
C SER A 133 -18.59 -33.95 17.39
N SER A 134 -19.18 -34.78 18.25
CA SER A 134 -20.26 -34.35 19.13
C SER A 134 -19.86 -33.20 20.08
N LYS A 135 -18.58 -33.16 20.47
CA LYS A 135 -18.10 -32.12 21.38
C LYS A 135 -17.60 -30.88 20.61
N SER A 136 -17.82 -30.90 19.30
CA SER A 136 -17.61 -29.73 18.44
C SER A 136 -18.92 -29.35 17.74
N THR A 137 -20.02 -29.31 18.51
N THR A 137 -20.01 -29.28 18.51
CA THR A 137 -21.34 -29.00 17.94
CA THR A 137 -21.32 -28.95 17.97
C THR A 137 -22.08 -27.91 18.72
C THR A 137 -22.04 -27.87 18.77
N SER A 138 -22.69 -26.98 18.00
N SER A 138 -22.58 -26.88 18.07
CA SER A 138 -23.38 -25.86 18.63
CA SER A 138 -23.31 -25.78 18.70
C SER A 138 -24.47 -25.28 17.75
C SER A 138 -24.44 -25.34 17.77
N GLY A 139 -25.70 -25.72 17.98
N GLY A 139 -25.67 -25.68 18.14
CA GLY A 139 -26.85 -25.20 17.25
CA GLY A 139 -26.79 -25.53 17.23
C GLY A 139 -26.82 -25.54 15.78
C GLY A 139 -26.68 -26.62 16.17
N GLY A 140 -26.57 -26.82 15.47
N GLY A 140 -26.75 -26.20 14.91
CA GLY A 140 -26.49 -27.29 14.10
CA GLY A 140 -26.52 -27.11 13.80
C GLY A 140 -25.16 -26.95 13.42
C GLY A 140 -25.12 -26.90 13.23
N THR A 141 -24.24 -26.40 14.19
N THR A 141 -24.25 -26.31 14.04
CA THR A 141 -22.93 -26.00 13.68
CA THR A 141 -22.91 -25.96 13.61
C THR A 141 -21.82 -26.93 14.15
C THR A 141 -21.84 -26.91 14.13
N ALA A 142 -20.95 -27.36 13.24
CA ALA A 142 -19.76 -28.08 13.66
C ALA A 142 -18.50 -27.21 13.48
N ALA A 143 -17.52 -27.40 14.34
CA ALA A 143 -16.22 -26.79 14.15
C ALA A 143 -15.20 -27.86 13.82
N LEU A 144 -14.23 -27.49 13.02
CA LEU A 144 -13.14 -28.39 12.71
C LEU A 144 -11.92 -27.55 12.38
N GLY A 145 -10.77 -28.20 12.21
CA GLY A 145 -9.56 -27.45 11.90
C GLY A 145 -8.30 -28.29 11.83
N CYS A 146 -7.17 -27.59 11.71
CA CYS A 146 -5.86 -28.22 11.68
C CYS A 146 -4.92 -27.57 12.69
N LEU A 147 -4.25 -28.41 13.48
CA LEU A 147 -3.20 -27.95 14.37
C LEU A 147 -1.87 -27.98 13.65
N VAL A 148 -1.25 -26.81 13.55
CA VAL A 148 0.05 -26.66 12.91
C VAL A 148 1.11 -26.41 13.95
N LYS A 149 1.90 -27.43 14.24
CA LYS A 149 2.73 -27.40 15.42
C LYS A 149 4.23 -27.52 15.16
N ASP A 150 5.02 -26.86 16.01
CA ASP A 150 6.47 -27.00 16.06
C ASP A 150 7.22 -26.58 14.81
N TYR A 151 7.06 -25.33 14.41
CA TYR A 151 7.81 -24.81 13.28
C TYR A 151 8.61 -23.54 13.64
N PHE A 152 9.62 -23.25 12.83
CA PHE A 152 10.43 -22.04 12.97
C PHE A 152 11.13 -21.72 11.64
N PRO A 153 11.15 -20.44 11.25
CA PRO A 153 10.50 -19.33 11.94
C PRO A 153 9.09 -19.16 11.41
N GLU A 154 8.48 -18.02 11.71
CA GLU A 154 7.24 -17.62 11.05
C GLU A 154 7.54 -17.24 9.60
N PRO A 155 6.53 -17.26 8.71
CA PRO A 155 5.13 -17.63 8.97
C PRO A 155 4.77 -18.97 8.39
N VAL A 156 3.62 -19.47 8.82
CA VAL A 156 2.95 -20.49 8.04
C VAL A 156 1.67 -19.83 7.56
N THR A 157 1.22 -20.28 6.39
CA THR A 157 -0.07 -19.88 5.88
C THR A 157 -0.95 -21.12 5.83
N VAL A 158 -2.24 -20.93 6.02
CA VAL A 158 -3.19 -22.01 5.92
C VAL A 158 -4.31 -21.54 5.01
N SER A 159 -4.64 -22.36 4.01
CA SER A 159 -5.86 -22.14 3.26
C SER A 159 -6.69 -23.42 3.43
N TRP A 160 -7.97 -23.34 3.09
CA TRP A 160 -8.87 -24.48 3.14
C TRP A 160 -9.43 -24.79 1.76
N ASN A 161 -9.44 -26.07 1.40
CA ASN A 161 -9.87 -26.52 0.09
C ASN A 161 -9.28 -25.67 -1.04
N SER A 162 -7.97 -25.48 -0.96
CA SER A 162 -7.20 -24.71 -1.95
C SER A 162 -7.77 -23.34 -2.21
N GLY A 163 -8.37 -22.73 -1.20
CA GLY A 163 -8.80 -21.35 -1.31
C GLY A 163 -10.27 -21.19 -1.61
N ALA A 164 -10.98 -22.31 -1.85
CA ALA A 164 -12.41 -22.26 -2.14
C ALA A 164 -13.23 -22.05 -0.87
N LEU A 165 -12.68 -22.42 0.28
CA LEU A 165 -13.41 -22.22 1.52
C LEU A 165 -12.74 -21.12 2.36
N THR A 166 -13.46 -20.01 2.56
CA THR A 166 -12.91 -18.87 3.32
C THR A 166 -13.88 -18.40 4.39
N SER A 167 -15.16 -18.63 4.17
CA SER A 167 -16.17 -18.15 5.12
C SER A 167 -16.02 -18.89 6.47
N GLY A 168 -16.00 -18.14 7.57
CA GLY A 168 -16.00 -18.73 8.89
C GLY A 168 -14.66 -19.30 9.31
N VAL A 169 -13.63 -18.99 8.54
CA VAL A 169 -12.28 -19.47 8.83
C VAL A 169 -11.60 -18.54 9.83
N HIS A 170 -10.98 -19.13 10.84
CA HIS A 170 -10.15 -18.38 11.78
C HIS A 170 -8.78 -19.03 11.89
N THR A 171 -7.77 -18.37 11.35
CA THR A 171 -6.41 -18.82 11.52
C THR A 171 -5.74 -17.95 12.59
N PHE A 172 -5.37 -18.56 13.72
CA PHE A 172 -4.95 -17.82 14.89
C PHE A 172 -3.54 -17.34 14.76
N PRO A 173 -3.23 -16.22 15.40
CA PRO A 173 -1.81 -15.80 15.46
C PRO A 173 -0.99 -16.88 16.17
N ALA A 174 0.23 -17.09 15.72
CA ALA A 174 1.13 -18.06 16.35
C ALA A 174 1.37 -17.77 17.82
N VAL A 175 1.63 -18.83 18.58
CA VAL A 175 2.17 -18.65 19.91
C VAL A 175 3.58 -19.18 19.90
N LEU A 176 4.41 -18.58 20.75
CA LEU A 176 5.77 -19.03 20.95
C LEU A 176 5.75 -20.04 22.07
N GLN A 177 6.20 -21.25 21.78
CA GLN A 177 6.29 -22.30 22.80
C GLN A 177 7.60 -22.17 23.56
N SER A 178 7.66 -22.82 24.72
CA SER A 178 8.87 -22.87 25.53
C SER A 178 10.08 -23.40 24.78
N SER A 179 9.83 -24.29 23.82
CA SER A 179 10.89 -24.86 23.01
C SER A 179 11.53 -23.83 22.09
N GLY A 180 10.86 -22.70 21.89
CA GLY A 180 11.32 -21.70 20.93
C GLY A 180 10.71 -21.89 19.54
N LEU A 181 9.82 -22.85 19.39
CA LEU A 181 9.16 -23.12 18.12
C LEU A 181 7.78 -22.54 18.20
N TYR A 182 7.18 -22.31 17.04
CA TYR A 182 5.86 -21.72 17.00
C TYR A 182 4.78 -22.77 16.80
N SER A 183 3.56 -22.38 17.11
CA SER A 183 2.41 -23.22 16.91
C SER A 183 1.18 -22.38 16.61
N LEU A 184 0.28 -22.86 15.74
CA LEU A 184 -1.01 -22.22 15.57
C LEU A 184 -2.09 -23.24 15.19
N SER A 185 -3.35 -22.87 15.36
CA SER A 185 -4.44 -23.66 14.84
C SER A 185 -5.21 -22.80 13.83
N SER A 186 -5.74 -23.46 12.82
CA SER A 186 -6.69 -22.85 11.89
C SER A 186 -8.03 -23.60 11.96
N VAL A 187 -9.12 -22.90 12.28
CA VAL A 187 -10.41 -23.56 12.46
C VAL A 187 -11.49 -22.99 11.54
N VAL A 188 -12.58 -23.75 11.34
CA VAL A 188 -13.70 -23.27 10.54
C VAL A 188 -15.00 -23.84 11.10
N THR A 189 -16.10 -23.11 11.00
CA THR A 189 -17.37 -23.68 11.37
C THR A 189 -18.23 -23.93 10.14
N VAL A 190 -18.87 -25.09 10.11
CA VAL A 190 -19.59 -25.58 8.94
C VAL A 190 -20.91 -26.26 9.37
N PRO A 191 -21.82 -26.53 8.43
CA PRO A 191 -23.01 -27.31 8.82
C PRO A 191 -22.64 -28.67 9.36
N SER A 192 -23.25 -29.05 10.47
CA SER A 192 -23.03 -30.39 10.99
C SER A 192 -23.82 -31.40 10.16
N SER A 193 -24.86 -30.94 9.46
CA SER A 193 -25.74 -31.84 8.71
C SER A 193 -25.06 -32.49 7.50
N SER A 194 -23.98 -31.89 7.02
CA SER A 194 -23.36 -32.36 5.79
C SER A 194 -21.91 -32.81 6.01
N LEU A 195 -21.55 -33.12 7.24
CA LEU A 195 -20.21 -33.67 7.46
C LEU A 195 -19.97 -34.95 6.65
N GLY A 196 -21.01 -35.70 6.35
CA GLY A 196 -20.85 -36.95 5.62
C GLY A 196 -20.61 -36.76 4.13
N THR A 197 -20.86 -35.55 3.62
CA THR A 197 -20.80 -35.32 2.18
C THR A 197 -19.76 -34.30 1.72
N GLN A 198 -19.44 -33.31 2.57
CA GLN A 198 -18.46 -32.28 2.18
C GLN A 198 -17.05 -32.70 2.59
N THR A 199 -16.07 -32.27 1.82
CA THR A 199 -14.69 -32.59 2.11
C THR A 199 -13.94 -31.34 2.56
N TYR A 200 -13.25 -31.47 3.68
CA TYR A 200 -12.50 -30.35 4.21
C TYR A 200 -11.03 -30.67 4.34
N ILE A 201 -10.22 -29.93 3.57
CA ILE A 201 -8.79 -30.13 3.54
C ILE A 201 -8.08 -28.80 3.86
N CYS A 202 -7.21 -28.80 4.87
CA CYS A 202 -6.42 -27.61 5.12
C CYS A 202 -5.11 -27.72 4.36
N ASN A 203 -4.71 -26.62 3.72
CA ASN A 203 -3.44 -26.54 2.99
C ASN A 203 -2.43 -25.69 3.74
N VAL A 204 -1.43 -26.35 4.32
CA VAL A 204 -0.45 -25.68 5.15
C VAL A 204 0.84 -25.42 4.39
N ASN A 205 1.29 -24.18 4.42
CA ASN A 205 2.53 -23.84 3.76
C ASN A 205 3.50 -23.15 4.73
N HIS A 206 4.70 -23.72 4.82
CA HIS A 206 5.79 -23.12 5.56
C HIS A 206 6.99 -22.97 4.62
N LYS A 207 7.08 -21.81 3.98
CA LYS A 207 8.07 -21.62 2.93
C LYS A 207 9.56 -21.74 3.38
N PRO A 208 9.93 -21.20 4.55
CA PRO A 208 11.35 -21.31 4.91
C PRO A 208 11.87 -22.75 4.96
N SER A 209 11.02 -23.72 5.25
CA SER A 209 11.44 -25.12 5.27
C SER A 209 10.98 -25.88 4.03
N ASN A 210 10.36 -25.15 3.11
CA ASN A 210 9.75 -25.74 1.90
C ASN A 210 8.82 -26.87 2.26
N THR A 211 7.91 -26.59 3.16
CA THR A 211 6.93 -27.58 3.58
C THR A 211 5.59 -27.24 2.97
N LYS A 212 5.00 -28.21 2.30
CA LYS A 212 3.67 -28.06 1.74
C LYS A 212 2.87 -29.30 2.13
N VAL A 213 1.95 -29.13 3.06
CA VAL A 213 1.14 -30.24 3.53
C VAL A 213 -0.35 -29.99 3.29
N ASP A 214 -1.03 -31.02 2.78
CA ASP A 214 -2.48 -31.03 2.70
C ASP A 214 -3.01 -32.09 3.65
N LYS A 215 -3.91 -31.70 4.55
CA LYS A 215 -4.47 -32.66 5.47
C LYS A 215 -5.98 -32.65 5.36
N ARG A 216 -6.55 -33.83 5.09
CA ARG A 216 -8.00 -33.96 5.06
C ARG A 216 -8.53 -34.16 6.45
N VAL A 217 -9.48 -33.33 6.85
CA VAL A 217 -10.05 -33.44 8.20
C VAL A 217 -11.38 -34.17 8.15
N GLU A 218 -11.39 -35.38 8.69
CA GLU A 218 -12.58 -36.22 8.64
C GLU A 218 -13.23 -36.35 10.01
N PRO A 219 -14.56 -36.43 10.02
CA PRO A 219 -15.37 -36.64 11.22
C PRO A 219 -14.99 -37.90 12.00
N LYS A 220 -15.18 -37.88 13.33
CA LYS A 220 -14.92 -39.03 14.20
C LYS A 220 -16.15 -39.45 15.04
N SER A 221 -16.22 -40.73 15.40
CA SER A 221 -17.32 -41.24 16.23
C SER A 221 -17.12 -40.96 17.71
N GLN B 1 14.07 15.39 7.24
CA GLN B 1 12.98 14.46 6.99
C GLN B 1 11.69 15.16 7.38
N ILE B 2 10.64 14.99 6.57
CA ILE B 2 9.32 15.47 6.96
C ILE B 2 8.67 14.43 7.86
N VAL B 3 8.54 14.76 9.14
CA VAL B 3 7.96 13.86 10.12
C VAL B 3 6.44 14.00 10.13
N LEU B 4 5.73 12.88 10.05
CA LEU B 4 4.28 12.92 10.12
C LEU B 4 3.82 12.42 11.49
N THR B 5 3.13 13.28 12.23
CA THR B 5 2.64 12.93 13.56
C THR B 5 1.16 12.64 13.48
N GLN B 6 0.79 11.39 13.73
CA GLN B 6 -0.58 10.93 13.55
C GLN B 6 -1.25 10.73 14.91
N SER B 7 -2.48 11.19 15.05
CA SER B 7 -3.18 11.01 16.31
C SER B 7 -4.68 10.84 16.05
N PRO B 8 -5.39 10.12 16.96
CA PRO B 8 -4.85 9.39 18.11
C PRO B 8 -4.25 8.09 17.65
N GLY B 9 -3.47 7.43 18.50
CA GLY B 9 -2.91 6.13 18.14
C GLY B 9 -3.97 5.06 18.05
N THR B 10 -5.00 5.18 18.89
CA THR B 10 -6.06 4.17 18.92
C THR B 10 -7.43 4.83 19.03
N LEU B 11 -8.39 4.30 18.29
CA LEU B 11 -9.74 4.80 18.31
C LEU B 11 -10.69 3.64 18.57
N SER B 12 -11.61 3.81 19.52
CA SER B 12 -12.58 2.76 19.89
C SER B 12 -14.00 3.32 19.83
N LEU B 13 -14.77 2.92 18.83
CA LEU B 13 -16.04 3.59 18.56
C LEU B 13 -17.11 2.59 18.15
N SER B 14 -18.37 2.99 18.29
CA SER B 14 -19.51 2.14 17.95
C SER B 14 -19.94 2.45 16.52
N PRO B 15 -20.57 1.48 15.84
CA PRO B 15 -21.11 1.67 14.49
C PRO B 15 -22.02 2.89 14.40
N GLY B 16 -21.97 3.62 13.28
CA GLY B 16 -22.79 4.80 13.12
C GLY B 16 -22.12 6.05 13.65
N GLU B 17 -21.20 5.89 14.60
CA GLU B 17 -20.45 7.03 15.13
C GLU B 17 -19.49 7.60 14.08
N ARG B 18 -19.00 8.81 14.33
CA ARG B 18 -18.08 9.49 13.45
C ARG B 18 -16.63 9.26 13.92
N ALA B 19 -15.76 8.91 12.99
CA ALA B 19 -14.36 8.72 13.33
C ALA B 19 -13.51 9.80 12.69
N THR B 20 -12.62 10.39 13.50
CA THR B 20 -11.72 11.41 13.01
C THR B 20 -10.29 11.12 13.43
N MET B 21 -9.36 11.20 12.47
CA MET B 21 -7.94 11.12 12.77
C MET B 21 -7.16 12.19 12.02
N THR B 22 -6.08 12.67 12.63
CA THR B 22 -5.33 13.76 12.01
C THR B 22 -3.88 13.38 11.86
N CYS B 23 -3.26 14.06 10.91
CA CYS B 23 -1.84 13.95 10.65
C CYS B 23 -1.30 15.38 10.57
N THR B 24 -0.24 15.62 11.32
CA THR B 24 0.43 16.92 11.34
C THR B 24 1.84 16.72 10.82
N ALA B 25 2.22 17.51 9.81
CA ALA B 25 3.52 17.42 9.16
C ALA B 25 4.47 18.49 9.67
N SER B 26 5.73 18.13 9.84
CA SER B 26 6.72 19.07 10.33
C SER B 26 7.04 20.15 9.30
N SER B 27 6.74 19.88 8.03
CA SER B 27 6.94 20.88 6.96
C SER B 27 5.77 20.80 6.02
N SER B 28 5.51 21.86 5.27
CA SER B 28 4.38 21.89 4.38
C SER B 28 4.43 20.80 3.31
N VAL B 29 3.32 20.07 3.17
CA VAL B 29 3.19 19.11 2.10
C VAL B 29 2.14 19.57 1.12
N SER B 30 2.46 19.49 -0.16
CA SER B 30 1.48 19.86 -1.17
C SER B 30 0.34 18.85 -1.19
N SER B 31 -0.86 19.34 -1.52
CA SER B 31 -2.08 18.55 -1.33
C SER B 31 -2.11 17.34 -2.27
N SER B 32 -1.42 17.45 -3.40
CA SER B 32 -1.34 16.36 -4.37
C SER B 32 -0.43 15.21 -3.92
N TYR B 33 0.38 15.45 -2.89
CA TYR B 33 1.33 14.43 -2.43
C TYR B 33 0.96 13.81 -1.08
N PHE B 34 -0.23 14.10 -0.57
CA PHE B 34 -0.61 13.59 0.74
C PHE B 34 -1.71 12.52 0.64
N HIS B 35 -1.45 11.36 1.25
CA HIS B 35 -2.31 10.21 1.06
C HIS B 35 -2.55 9.43 2.37
N TRP B 36 -3.60 8.60 2.38
CA TRP B 36 -3.89 7.71 3.49
C TRP B 36 -4.01 6.26 3.00
N TYR B 37 -3.56 5.31 3.82
CA TYR B 37 -3.64 3.86 3.51
C TYR B 37 -4.36 3.11 4.61
N GLN B 38 -5.06 2.05 4.21
CA GLN B 38 -5.74 1.18 5.14
C GLN B 38 -5.02 -0.17 5.16
N GLN B 39 -4.72 -0.68 6.34
CA GLN B 39 -4.07 -1.99 6.43
C GLN B 39 -4.77 -2.86 7.48
N LYS B 40 -5.16 -4.06 7.07
CA LYS B 40 -5.72 -5.06 7.98
C LYS B 40 -4.65 -6.12 8.25
N PRO B 41 -4.69 -6.76 9.43
CA PRO B 41 -3.58 -7.65 9.79
C PRO B 41 -3.30 -8.74 8.75
N GLY B 42 -2.01 -9.00 8.48
CA GLY B 42 -1.62 -10.00 7.51
C GLY B 42 -1.70 -9.54 6.07
N GLN B 43 -2.21 -8.33 5.84
CA GLN B 43 -2.33 -7.85 4.46
C GLN B 43 -1.47 -6.61 4.19
N ALA B 44 -1.13 -6.43 2.92
CA ALA B 44 -0.42 -5.23 2.49
C ALA B 44 -1.33 -4.03 2.68
N PRO B 45 -0.74 -2.86 2.95
CA PRO B 45 -1.50 -1.62 2.95
C PRO B 45 -2.28 -1.45 1.65
N ARG B 46 -3.47 -0.83 1.72
CA ARG B 46 -4.28 -0.54 0.54
C ARG B 46 -4.40 0.97 0.44
N LEU B 47 -4.16 1.50 -0.75
CA LEU B 47 -4.36 2.92 -1.01
C LEU B 47 -5.81 3.24 -0.67
N TRP B 48 -6.05 4.30 0.09
CA TRP B 48 -7.40 4.54 0.57
C TRP B 48 -7.92 5.91 0.16
N ILE B 49 -7.14 6.93 0.50
CA ILE B 49 -7.39 8.27 0.01
C ILE B 49 -6.09 8.82 -0.57
N TYR B 50 -6.16 9.43 -1.74
CA TYR B 50 -4.97 10.00 -2.35
C TYR B 50 -5.24 11.43 -2.75
N ARG B 51 -4.17 12.22 -2.84
N ARG B 51 -4.17 12.22 -2.86
CA ARG B 51 -4.26 13.65 -3.14
CA ARG B 51 -4.29 13.64 -3.16
C ARG B 51 -5.16 14.34 -2.13
C ARG B 51 -5.18 14.34 -2.13
N THR B 52 -4.93 14.04 -0.86
CA THR B 52 -5.63 14.66 0.28
C THR B 52 -7.11 14.27 0.40
N SER B 53 -7.83 14.24 -0.72
CA SER B 53 -9.29 14.12 -0.67
C SER B 53 -9.93 13.20 -1.70
N ARG B 54 -9.15 12.53 -2.55
CA ARG B 54 -9.75 11.62 -3.52
C ARG B 54 -9.82 10.18 -3.01
N LEU B 55 -10.95 9.53 -3.26
CA LEU B 55 -11.15 8.17 -2.82
C LEU B 55 -10.56 7.16 -3.80
N ALA B 56 -9.84 6.18 -3.29
CA ALA B 56 -9.31 5.10 -4.12
C ALA B 56 -10.44 4.17 -4.55
N SER B 57 -10.16 3.27 -5.47
CA SER B 57 -11.20 2.40 -6.00
C SER B 57 -11.74 1.48 -4.89
N GLY B 58 -13.06 1.38 -4.78
CA GLY B 58 -13.69 0.51 -3.80
C GLY B 58 -13.91 1.15 -2.44
N VAL B 59 -13.51 2.42 -2.32
CA VAL B 59 -13.64 3.10 -1.04
C VAL B 59 -14.98 3.82 -0.97
N PRO B 60 -15.80 3.50 0.04
CA PRO B 60 -17.15 4.06 0.18
C PRO B 60 -17.17 5.55 0.54
N ASP B 61 -18.24 6.24 0.13
CA ASP B 61 -18.38 7.69 0.30
C ASP B 61 -18.37 8.19 1.73
N ARG B 62 -18.50 7.27 2.69
CA ARG B 62 -18.52 7.69 4.09
C ARG B 62 -17.12 8.11 4.55
N PHE B 63 -16.11 7.77 3.75
CA PHE B 63 -14.74 8.21 3.98
C PHE B 63 -14.50 9.54 3.29
N SER B 64 -13.77 10.43 3.95
CA SER B 64 -13.40 11.67 3.30
C SER B 64 -12.10 12.20 3.89
N GLY B 65 -11.29 12.83 3.05
CA GLY B 65 -10.05 13.41 3.52
C GLY B 65 -10.07 14.90 3.29
N SER B 66 -9.33 15.63 4.12
CA SER B 66 -9.17 17.06 3.93
C SER B 66 -7.85 17.49 4.56
N GLY B 67 -7.47 18.74 4.34
CA GLY B 67 -6.23 19.24 4.91
C GLY B 67 -5.49 20.21 4.01
N SER B 68 -4.44 20.82 4.56
CA SER B 68 -3.61 21.79 3.85
C SER B 68 -2.33 22.06 4.59
N GLY B 69 -1.28 22.39 3.85
CA GLY B 69 0.00 22.73 4.43
C GLY B 69 0.55 21.69 5.36
N THR B 70 0.22 21.81 6.64
CA THR B 70 0.77 20.92 7.66
C THR B 70 -0.28 20.11 8.43
N ASP B 71 -1.55 20.37 8.16
CA ASP B 71 -2.61 19.72 8.94
C ASP B 71 -3.61 18.96 8.07
N PHE B 72 -3.64 17.63 8.23
CA PHE B 72 -4.49 16.81 7.39
C PHE B 72 -5.41 15.94 8.24
N THR B 73 -6.53 15.54 7.67
CA THR B 73 -7.55 14.83 8.43
C THR B 73 -8.24 13.76 7.58
N LEU B 74 -8.41 12.58 8.17
CA LEU B 74 -9.26 11.56 7.58
C LEU B 74 -10.52 11.47 8.45
N THR B 75 -11.70 11.47 7.83
CA THR B 75 -12.97 11.35 8.55
C THR B 75 -13.80 10.19 8.03
N ILE B 76 -14.33 9.38 8.94
CA ILE B 76 -15.30 8.37 8.58
C ILE B 76 -16.64 8.81 9.14
N SER B 77 -17.60 9.09 8.26
CA SER B 77 -18.92 9.62 8.65
C SER B 77 -19.70 8.70 9.55
N ARG B 78 -20.02 7.50 9.07
CA ARG B 78 -20.85 6.56 9.81
C ARG B 78 -20.24 5.16 9.83
N LEU B 79 -19.55 4.85 10.92
CA LEU B 79 -18.75 3.63 11.03
C LEU B 79 -19.45 2.31 10.72
N GLU B 80 -18.82 1.52 9.86
CA GLU B 80 -19.21 0.12 9.65
C GLU B 80 -18.14 -0.79 10.23
N PRO B 81 -18.49 -2.04 10.58
CA PRO B 81 -17.50 -2.97 11.13
C PRO B 81 -16.28 -3.20 10.25
N GLU B 82 -16.47 -3.16 8.93
N GLU B 82 -16.45 -3.17 8.93
CA GLU B 82 -15.39 -3.42 7.99
CA GLU B 82 -15.34 -3.44 8.02
C GLU B 82 -14.37 -2.28 7.99
C GLU B 82 -14.34 -2.29 8.02
N ASP B 83 -14.68 -1.20 8.72
CA ASP B 83 -13.76 -0.07 8.84
C ASP B 83 -12.66 -0.32 9.86
N ALA B 84 -12.79 -1.40 10.64
CA ALA B 84 -11.76 -1.78 11.62
C ALA B 84 -10.45 -2.08 10.93
N ALA B 85 -9.40 -1.34 11.27
CA ALA B 85 -8.11 -1.46 10.60
C ALA B 85 -7.13 -0.46 11.17
N THR B 86 -5.89 -0.45 10.66
CA THR B 86 -4.95 0.60 10.98
C THR B 86 -4.79 1.52 9.76
N TYR B 87 -4.84 2.83 9.99
CA TYR B 87 -4.77 3.81 8.92
C TYR B 87 -3.48 4.60 9.02
N TYR B 88 -2.83 4.78 7.88
CA TYR B 88 -1.54 5.46 7.82
C TYR B 88 -1.56 6.66 6.88
N CYS B 89 -1.06 7.80 7.34
CA CYS B 89 -0.88 8.92 6.43
C CYS B 89 0.50 8.82 5.78
N HIS B 90 0.69 9.59 4.72
CA HIS B 90 1.83 9.41 3.82
C HIS B 90 2.11 10.69 3.04
N GLN B 91 3.39 11.06 2.90
CA GLN B 91 3.74 12.20 2.04
C GLN B 91 4.68 11.74 0.94
N PHE B 92 4.44 12.23 -0.27
CA PHE B 92 5.21 11.87 -1.46
C PHE B 92 5.90 13.16 -1.96
N HIS B 93 5.99 14.14 -1.06
CA HIS B 93 6.46 15.47 -1.44
C HIS B 93 7.98 15.54 -1.52
N ARG B 94 8.64 15.06 -0.48
CA ARG B 94 10.08 15.24 -0.30
C ARG B 94 10.78 13.98 0.22
N SER B 95 11.93 13.66 -0.36
CA SER B 95 12.71 12.51 0.07
C SER B 95 13.36 12.78 1.44
N PRO B 96 13.45 11.75 2.33
CA PRO B 96 12.88 10.40 2.17
C PRO B 96 11.36 10.40 2.41
N LEU B 97 10.65 9.51 1.75
CA LEU B 97 9.22 9.38 1.99
C LEU B 97 8.98 8.94 3.42
N THR B 98 7.87 9.40 3.99
CA THR B 98 7.57 9.12 5.38
C THR B 98 6.09 8.82 5.55
N PHE B 99 5.79 8.06 6.60
CA PHE B 99 4.45 7.62 6.97
C PHE B 99 4.16 8.04 8.42
N GLY B 100 2.89 8.24 8.77
CA GLY B 100 2.52 8.39 10.17
C GLY B 100 2.64 7.06 10.91
N ALA B 101 2.60 7.09 12.24
CA ALA B 101 2.76 5.87 13.04
C ALA B 101 1.51 5.05 13.05
N GLY B 102 0.42 5.65 12.57
CA GLY B 102 -0.80 4.88 12.39
C GLY B 102 -1.87 5.14 13.43
N THR B 103 -3.09 4.92 13.01
CA THR B 103 -4.22 4.99 13.90
C THR B 103 -5.00 3.71 13.77
N LYS B 104 -5.10 2.97 14.87
CA LYS B 104 -5.80 1.72 14.84
C LYS B 104 -7.25 1.96 15.27
N LEU B 105 -8.18 1.60 14.39
CA LEU B 105 -9.60 1.79 14.67
C LEU B 105 -10.24 0.49 15.10
N GLU B 106 -10.74 0.47 16.33
CA GLU B 106 -11.46 -0.68 16.88
C GLU B 106 -12.94 -0.36 16.91
N ILE B 107 -13.75 -1.35 16.53
CA ILE B 107 -15.20 -1.15 16.53
C ILE B 107 -15.80 -1.82 17.75
N LYS B 108 -16.54 -1.05 18.54
CA LYS B 108 -17.31 -1.63 19.63
C LYS B 108 -18.59 -2.24 19.07
N ARG B 109 -19.09 -3.27 19.73
CA ARG B 109 -20.37 -3.84 19.34
C ARG B 109 -21.10 -4.31 20.59
N THR B 110 -22.29 -4.89 20.40
CA THR B 110 -23.04 -5.41 21.53
C THR B 110 -22.38 -6.69 22.06
N VAL B 111 -22.65 -7.04 23.31
CA VAL B 111 -22.15 -8.26 23.90
C VAL B 111 -22.55 -9.50 23.10
N ALA B 112 -21.60 -10.43 22.92
CA ALA B 112 -21.84 -11.68 22.22
C ALA B 112 -21.15 -12.84 22.95
N ALA B 113 -21.93 -13.88 23.26
CA ALA B 113 -21.40 -15.03 23.98
C ALA B 113 -20.59 -15.92 23.06
N PRO B 114 -19.58 -16.60 23.59
CA PRO B 114 -18.81 -17.48 22.73
C PRO B 114 -19.47 -18.83 22.51
N SER B 115 -19.30 -19.38 21.31
CA SER B 115 -19.61 -20.78 21.10
C SER B 115 -18.35 -21.57 21.46
N VAL B 116 -18.48 -22.53 22.36
CA VAL B 116 -17.33 -23.30 22.81
C VAL B 116 -17.30 -24.71 22.20
N PHE B 117 -16.14 -25.09 21.70
CA PHE B 117 -15.91 -26.42 21.12
C PHE B 117 -14.65 -26.99 21.73
N ILE B 118 -14.57 -28.32 21.87
CA ILE B 118 -13.35 -28.90 22.39
C ILE B 118 -12.88 -30.02 21.46
N PHE B 119 -11.57 -30.11 21.29
CA PHE B 119 -10.95 -31.09 20.41
C PHE B 119 -9.93 -31.97 21.11
N PRO B 120 -10.16 -33.29 21.12
CA PRO B 120 -9.20 -34.21 21.72
C PRO B 120 -7.98 -34.33 20.84
N PRO B 121 -6.85 -34.80 21.39
CA PRO B 121 -5.71 -34.94 20.48
C PRO B 121 -5.96 -36.01 19.42
N SER B 122 -5.41 -35.81 18.24
CA SER B 122 -5.48 -36.78 17.16
C SER B 122 -4.64 -38.01 17.47
N ASP B 123 -5.07 -39.15 16.96
CA ASP B 123 -4.31 -40.37 17.11
C ASP B 123 -2.94 -40.21 16.46
N GLU B 124 -2.88 -39.39 15.41
CA GLU B 124 -1.63 -39.15 14.70
C GLU B 124 -0.61 -38.48 15.61
N GLN B 125 -1.07 -37.53 16.41
CA GLN B 125 -0.17 -36.80 17.30
C GLN B 125 0.24 -37.68 18.48
N LEU B 126 -0.71 -38.45 19.00
CA LEU B 126 -0.44 -39.35 20.10
C LEU B 126 0.68 -40.31 19.76
N LYS B 127 0.64 -40.86 18.55
CA LYS B 127 1.68 -41.76 18.07
C LYS B 127 3.05 -41.08 18.11
N SER B 128 3.04 -39.75 18.03
CA SER B 128 4.27 -38.99 18.03
C SER B 128 4.83 -38.83 19.44
N GLY B 129 3.97 -38.90 20.45
CA GLY B 129 4.40 -38.82 21.83
C GLY B 129 3.86 -37.64 22.63
N THR B 130 3.02 -36.83 22.00
CA THR B 130 2.48 -35.63 22.62
C THR B 130 0.96 -35.54 22.41
N ALA B 131 0.27 -34.94 23.38
CA ALA B 131 -1.16 -34.75 23.31
C ALA B 131 -1.49 -33.27 23.42
N SER B 132 -2.11 -32.72 22.38
CA SER B 132 -2.58 -31.36 22.43
C SER B 132 -4.09 -31.34 22.49
N VAL B 133 -4.63 -30.62 23.47
CA VAL B 133 -6.06 -30.49 23.60
C VAL B 133 -6.46 -29.05 23.31
N VAL B 134 -7.31 -28.84 22.31
CA VAL B 134 -7.68 -27.50 21.91
C VAL B 134 -9.12 -27.16 22.32
N CYS B 135 -9.27 -26.07 23.04
CA CYS B 135 -10.58 -25.52 23.34
C CYS B 135 -10.77 -24.24 22.52
N LEU B 136 -11.90 -24.15 21.83
CA LEU B 136 -12.18 -23.03 20.96
C LEU B 136 -13.34 -22.19 21.48
N LEU B 137 -13.12 -20.87 21.55
CA LEU B 137 -14.16 -19.91 21.87
C LEU B 137 -14.38 -19.08 20.62
N ASN B 138 -15.52 -19.25 19.97
CA ASN B 138 -15.75 -18.67 18.66
C ASN B 138 -16.70 -17.49 18.66
N ASN B 139 -16.28 -16.39 18.01
CA ASN B 139 -17.15 -15.25 17.72
C ASN B 139 -17.82 -14.64 18.95
N PHE B 140 -17.01 -14.08 19.86
CA PHE B 140 -17.55 -13.43 21.04
C PHE B 140 -17.10 -11.97 21.14
N TYR B 141 -17.79 -11.20 21.97
CA TYR B 141 -17.42 -9.84 22.29
C TYR B 141 -18.01 -9.47 23.67
N PRO B 142 -17.22 -8.78 24.53
CA PRO B 142 -15.85 -8.29 24.31
C PRO B 142 -14.80 -9.37 24.45
N ARG B 143 -13.54 -8.95 24.35
CA ARG B 143 -12.38 -9.85 24.24
C ARG B 143 -12.04 -10.51 25.58
N GLU B 144 -12.43 -9.86 26.66
CA GLU B 144 -12.16 -10.37 28.00
C GLU B 144 -12.86 -11.71 28.16
N ALA B 145 -12.10 -12.75 28.47
CA ALA B 145 -12.67 -14.08 28.69
C ALA B 145 -11.74 -14.92 29.56
N LYS B 146 -12.33 -15.80 30.35
CA LYS B 146 -11.55 -16.64 31.25
C LYS B 146 -11.71 -18.13 30.88
N VAL B 147 -10.59 -18.78 30.60
CA VAL B 147 -10.57 -20.17 30.20
C VAL B 147 -9.71 -20.96 31.17
N GLN B 148 -10.35 -21.92 31.84
CA GLN B 148 -9.66 -22.78 32.80
C GLN B 148 -9.70 -24.24 32.39
N TRP B 149 -8.59 -24.92 32.57
CA TRP B 149 -8.50 -26.33 32.27
C TRP B 149 -8.63 -27.18 33.53
N LYS B 150 -9.53 -28.16 33.46
CA LYS B 150 -9.75 -29.15 34.52
C LYS B 150 -9.45 -30.55 34.02
N VAL B 151 -8.56 -31.25 34.70
CA VAL B 151 -8.26 -32.63 34.33
C VAL B 151 -8.59 -33.58 35.50
N ASP B 152 -9.63 -34.39 35.31
CA ASP B 152 -10.26 -35.15 36.40
C ASP B 152 -10.61 -34.19 37.53
N ASN B 153 -11.20 -33.05 37.14
CA ASN B 153 -11.66 -32.00 38.05
C ASN B 153 -10.57 -31.32 38.86
N ALA B 154 -9.32 -31.52 38.47
CA ALA B 154 -8.20 -30.79 39.06
C ALA B 154 -7.82 -29.59 38.17
N LEU B 155 -7.78 -28.40 38.75
CA LEU B 155 -7.46 -27.18 38.00
C LEU B 155 -6.01 -27.18 37.53
N GLN B 156 -5.79 -26.84 36.26
CA GLN B 156 -4.46 -26.91 35.68
C GLN B 156 -3.73 -25.57 35.73
N SER B 157 -2.40 -25.63 35.69
CA SER B 157 -1.55 -24.46 35.68
C SER B 157 -0.29 -24.82 34.93
N GLY B 158 0.14 -23.92 34.05
CA GLY B 158 1.48 -24.00 33.49
C GLY B 158 1.58 -24.79 32.22
N ASN B 159 0.47 -25.33 31.74
CA ASN B 159 0.57 -26.19 30.57
C ASN B 159 -0.38 -25.78 29.43
N SER B 160 -0.88 -24.56 29.48
CA SER B 160 -1.72 -24.09 28.37
C SER B 160 -1.29 -22.74 27.83
N GLN B 161 -1.63 -22.49 26.56
CA GLN B 161 -1.37 -21.20 25.92
C GLN B 161 -2.62 -20.75 25.18
N GLU B 162 -2.86 -19.43 25.19
CA GLU B 162 -4.03 -18.82 24.51
C GLU B 162 -3.55 -18.01 23.32
N SER B 163 -4.38 -17.89 22.30
CA SER B 163 -4.13 -16.99 21.18
C SER B 163 -5.46 -16.39 20.77
N VAL B 164 -5.52 -15.07 20.58
CA VAL B 164 -6.78 -14.47 20.16
C VAL B 164 -6.65 -13.86 18.75
N THR B 165 -7.72 -13.94 17.96
CA THR B 165 -7.73 -13.34 16.62
C THR B 165 -7.85 -11.82 16.69
N GLU B 166 -7.66 -11.17 15.55
CA GLU B 166 -8.01 -9.77 15.38
C GLU B 166 -9.54 -9.65 15.30
N GLN B 167 -10.06 -8.43 15.41
CA GLN B 167 -11.50 -8.23 15.30
C GLN B 167 -12.00 -8.63 13.92
N ASP B 168 -13.13 -9.33 13.87
CA ASP B 168 -13.63 -9.79 12.59
C ASP B 168 -14.20 -8.64 11.77
N SER B 169 -13.86 -8.61 10.48
CA SER B 169 -14.25 -7.48 9.65
C SER B 169 -15.76 -7.38 9.41
N LYS B 170 -16.50 -8.45 9.65
CA LYS B 170 -17.94 -8.40 9.36
C LYS B 170 -18.81 -8.24 10.61
N ASP B 171 -18.43 -8.89 11.71
CA ASP B 171 -19.31 -8.85 12.88
C ASP B 171 -18.59 -8.31 14.11
N SER B 172 -17.35 -7.87 13.93
CA SER B 172 -16.58 -7.28 15.01
C SER B 172 -16.34 -8.19 16.22
N THR B 173 -16.47 -9.50 16.04
CA THR B 173 -16.21 -10.40 17.16
C THR B 173 -14.77 -10.88 17.21
N TYR B 174 -14.42 -11.47 18.35
CA TYR B 174 -13.13 -12.13 18.56
C TYR B 174 -13.34 -13.63 18.59
N SER B 175 -12.29 -14.37 18.30
CA SER B 175 -12.26 -15.81 18.60
C SER B 175 -10.94 -16.10 19.31
N LEU B 176 -10.95 -17.15 20.13
CA LEU B 176 -9.81 -17.47 20.98
C LEU B 176 -9.60 -18.96 21.03
N SER B 177 -8.34 -19.39 20.90
CA SER B 177 -7.97 -20.77 21.13
C SER B 177 -7.19 -20.91 22.44
N SER B 178 -7.47 -21.97 23.18
CA SER B 178 -6.65 -22.31 24.35
C SER B 178 -6.17 -23.75 24.23
N THR B 179 -4.86 -23.95 24.21
CA THR B 179 -4.33 -25.26 23.89
C THR B 179 -3.57 -25.84 25.10
N LEU B 180 -4.08 -26.96 25.61
CA LEU B 180 -3.46 -27.70 26.70
C LEU B 180 -2.52 -28.74 26.10
N THR B 181 -1.24 -28.64 26.42
CA THR B 181 -0.27 -29.59 25.87
C THR B 181 0.26 -30.52 26.97
N LEU B 182 0.26 -31.83 26.68
CA LEU B 182 0.75 -32.86 27.60
C LEU B 182 1.57 -33.90 26.86
N SER B 183 2.50 -34.55 27.54
CA SER B 183 3.12 -35.74 26.97
C SER B 183 2.06 -36.84 26.86
N LYS B 184 2.30 -37.80 25.98
CA LYS B 184 1.40 -38.94 25.81
C LYS B 184 1.18 -39.68 27.13
N ALA B 185 2.23 -39.81 27.93
CA ALA B 185 2.14 -40.58 29.16
C ALA B 185 1.25 -39.88 30.19
N ASP B 186 1.40 -38.56 30.28
CA ASP B 186 0.62 -37.79 31.24
C ASP B 186 -0.84 -37.73 30.81
N TYR B 187 -1.04 -37.67 29.49
CA TYR B 187 -2.39 -37.62 28.95
C TYR B 187 -3.14 -38.90 29.26
N GLU B 188 -2.46 -40.03 29.13
CA GLU B 188 -3.08 -41.34 29.36
C GLU B 188 -3.29 -41.66 30.84
N LYS B 189 -2.78 -40.80 31.71
CA LYS B 189 -2.94 -40.98 33.15
C LYS B 189 -4.22 -40.34 33.67
N HIS B 190 -5.09 -39.87 32.78
CA HIS B 190 -6.29 -39.16 33.23
C HIS B 190 -7.49 -39.45 32.36
N LYS B 191 -8.67 -39.15 32.89
CA LYS B 191 -9.93 -39.52 32.25
C LYS B 191 -10.66 -38.32 31.63
N VAL B 192 -11.03 -37.37 32.49
CA VAL B 192 -11.83 -36.23 32.09
C VAL B 192 -10.98 -35.00 31.74
N TYR B 193 -11.06 -34.57 30.49
CA TYR B 193 -10.43 -33.33 30.03
C TYR B 193 -11.50 -32.31 29.75
N ALA B 194 -11.58 -31.30 30.61
CA ALA B 194 -12.63 -30.29 30.49
C ALA B 194 -12.06 -28.87 30.30
N CYS B 195 -12.85 -28.03 29.65
CA CYS B 195 -12.50 -26.63 29.40
C CYS B 195 -13.62 -25.74 29.99
N GLU B 196 -13.28 -24.82 30.89
CA GLU B 196 -14.33 -24.01 31.50
C GLU B 196 -14.24 -22.54 31.10
N VAL B 197 -15.28 -22.06 30.41
CA VAL B 197 -15.29 -20.72 29.88
C VAL B 197 -16.20 -19.80 30.68
N THR B 198 -15.66 -18.64 31.01
CA THR B 198 -16.41 -17.59 31.70
C THR B 198 -16.38 -16.34 30.83
N HIS B 199 -17.56 -15.77 30.59
CA HIS B 199 -17.63 -14.61 29.71
C HIS B 199 -18.88 -13.81 30.03
N GLN B 200 -18.78 -12.51 29.80
CA GLN B 200 -19.86 -11.58 30.11
C GLN B 200 -21.22 -11.98 29.51
N GLY B 201 -21.19 -12.60 28.34
CA GLY B 201 -22.42 -12.93 27.62
C GLY B 201 -23.00 -14.27 28.02
N LEU B 202 -22.34 -14.94 28.95
CA LEU B 202 -22.84 -16.18 29.52
C LEU B 202 -23.29 -15.93 30.95
N SER B 203 -24.55 -16.27 31.22
CA SER B 203 -25.10 -16.08 32.57
C SER B 203 -24.44 -17.04 33.54
N SER B 204 -23.97 -18.16 33.00
CA SER B 204 -23.30 -19.21 33.76
C SER B 204 -22.09 -19.74 33.00
N PRO B 205 -21.00 -20.07 33.70
CA PRO B 205 -19.80 -20.65 33.06
C PRO B 205 -20.07 -21.93 32.26
N VAL B 206 -19.71 -21.92 30.98
CA VAL B 206 -19.93 -23.07 30.11
C VAL B 206 -18.74 -24.02 30.15
N THR B 207 -19.02 -25.31 30.24
CA THR B 207 -17.96 -26.32 30.27
C THR B 207 -18.10 -27.24 29.07
N LYS B 208 -17.01 -27.42 28.32
CA LYS B 208 -16.98 -28.48 27.31
C LYS B 208 -15.96 -29.52 27.75
N SER B 209 -16.38 -30.77 27.74
CA SER B 209 -15.58 -31.83 28.32
C SER B 209 -15.62 -33.10 27.51
N PHE B 210 -14.67 -33.99 27.73
CA PHE B 210 -14.69 -35.29 27.07
C PHE B 210 -13.86 -36.27 27.87
N ASN B 211 -14.24 -37.55 27.83
CA ASN B 211 -13.47 -38.58 28.47
C ASN B 211 -12.48 -39.18 27.47
N ARG B 212 -11.22 -39.32 27.90
CA ARG B 212 -10.19 -39.88 27.03
C ARG B 212 -10.59 -41.22 26.43
N GLY B 213 -10.27 -41.42 25.16
CA GLY B 213 -10.61 -42.67 24.49
C GLY B 213 -11.94 -42.59 23.77
N GLU B 214 -12.96 -42.07 24.47
CA GLU B 214 -14.30 -41.95 23.91
C GLU B 214 -14.33 -41.14 22.62
N GLY C 1 -15.75 47.82 -14.92
CA GLY C 1 -16.63 46.87 -15.56
C GLY C 1 -15.84 45.80 -16.29
N CYS C 2 -14.74 45.37 -15.68
CA CYS C 2 -13.86 44.39 -16.29
C CYS C 2 -14.43 42.98 -16.20
N LYS C 3 -14.55 42.31 -17.35
CA LYS C 3 -15.16 40.99 -17.39
C LYS C 3 -14.14 39.87 -17.18
N ASP C 4 -14.39 39.05 -16.14
CA ASP C 4 -13.48 37.99 -15.73
C ASP C 4 -13.65 36.70 -16.54
N ILE C 5 -12.57 36.26 -17.17
CA ILE C 5 -12.53 34.97 -17.86
C ILE C 5 -11.67 33.99 -17.06
N PHE C 6 -12.18 32.79 -16.84
CA PHE C 6 -11.46 31.77 -16.08
C PHE C 6 -11.02 30.63 -16.98
N MET C 7 -9.73 30.36 -17.02
CA MET C 7 -9.20 29.23 -17.78
C MET C 7 -9.70 27.94 -17.15
N LYS C 8 -10.04 26.97 -18.01
CA LYS C 8 -10.62 25.70 -17.57
C LYS C 8 -9.61 24.85 -16.81
N ASN C 9 -8.51 24.54 -17.47
CA ASN C 9 -7.50 23.65 -16.89
C ASN C 9 -6.35 24.42 -16.23
N GLU C 10 -5.78 23.84 -15.18
CA GLU C 10 -4.55 24.39 -14.61
C GLU C 10 -3.40 24.04 -15.56
N ILE C 11 -2.31 24.80 -15.50
CA ILE C 11 -1.12 24.49 -16.31
C ILE C 11 -0.03 23.99 -15.40
N LEU C 12 0.58 22.87 -15.74
CA LEU C 12 1.63 22.30 -14.91
C LEU C 12 3.00 22.48 -15.55
N SER C 13 4.02 22.74 -14.74
CA SER C 13 5.36 22.86 -15.24
C SER C 13 6.36 22.36 -14.24
N ALA C 14 7.40 21.73 -14.74
CA ALA C 14 8.57 21.46 -13.93
C ALA C 14 9.25 22.77 -13.55
N SER C 15 10.14 22.68 -12.59
CA SER C 15 10.92 23.82 -12.15
C SER C 15 12.04 24.06 -13.17
N GLN C 16 11.73 24.85 -14.17
CA GLN C 16 12.59 25.04 -15.32
C GLN C 16 12.00 26.26 -16.06
N PRO C 17 12.61 26.70 -17.17
CA PRO C 17 11.99 27.80 -17.91
C PRO C 17 10.55 27.52 -18.25
N PHE C 18 9.67 28.50 -18.02
CA PHE C 18 8.27 28.32 -18.33
C PHE C 18 7.65 29.65 -18.75
N ALA C 19 6.72 29.59 -19.69
CA ALA C 19 6.04 30.80 -20.11
C ALA C 19 4.59 30.54 -20.47
N PHE C 20 3.78 31.59 -20.35
CA PHE C 20 2.39 31.50 -20.72
C PHE C 20 1.98 32.79 -21.40
N ASN C 21 1.33 32.66 -22.56
CA ASN C 21 0.97 33.80 -23.40
C ASN C 21 -0.42 34.29 -23.04
N CYS C 22 -0.56 35.58 -22.78
CA CYS C 22 -1.88 36.13 -22.55
C CYS C 22 -2.59 36.26 -23.91
N THR C 23 -3.60 35.42 -24.13
N THR C 23 -3.60 35.42 -24.13
CA THR C 23 -4.34 35.50 -25.38
CA THR C 23 -4.32 35.43 -25.42
C THR C 23 -5.83 35.30 -25.14
C THR C 23 -5.81 35.22 -25.21
N PHE C 24 -6.63 35.97 -25.96
CA PHE C 24 -8.07 35.84 -25.87
C PHE C 24 -8.68 36.36 -27.18
N PRO C 25 -8.69 35.47 -28.19
CA PRO C 25 -9.36 35.82 -29.45
C PRO C 25 -10.86 35.90 -29.24
N PRO C 26 -11.53 36.85 -29.92
CA PRO C 26 -10.91 37.73 -30.92
C PRO C 26 -10.39 39.06 -30.35
N ILE C 27 -10.44 39.24 -29.03
CA ILE C 27 -10.08 40.53 -28.45
C ILE C 27 -8.62 40.90 -28.67
N THR C 28 -7.73 39.95 -28.38
CA THR C 28 -6.29 40.20 -28.47
C THR C 28 -5.82 40.33 -29.91
N SER C 29 -6.73 40.06 -30.84
CA SER C 29 -6.42 40.25 -32.25
C SER C 29 -6.65 41.71 -32.65
N GLY C 30 -7.24 42.49 -31.75
CA GLY C 30 -7.42 43.92 -31.98
C GLY C 30 -6.27 44.77 -31.48
N GLU C 31 -6.59 45.98 -31.04
CA GLU C 31 -5.61 46.90 -30.48
C GLU C 31 -5.81 47.00 -28.98
N VAL C 32 -5.11 46.12 -28.26
CA VAL C 32 -5.25 46.05 -26.81
C VAL C 32 -3.90 46.06 -26.12
N SER C 33 -3.89 46.40 -24.84
CA SER C 33 -2.68 46.30 -24.02
C SER C 33 -2.86 45.20 -22.97
N VAL C 34 -1.77 44.48 -22.67
CA VAL C 34 -1.83 43.29 -21.84
C VAL C 34 -0.97 43.46 -20.60
N THR C 35 -1.51 43.19 -19.40
CA THR C 35 -0.71 43.29 -18.19
C THR C 35 -0.86 42.11 -17.25
N TRP C 36 0.24 41.42 -17.00
CA TRP C 36 0.24 40.29 -16.08
C TRP C 36 0.37 40.70 -14.59
N TYR C 37 -0.35 39.97 -13.74
CA TYR C 37 -0.35 40.12 -12.27
C TYR C 37 -0.10 38.79 -11.57
N LYS C 38 0.73 38.79 -10.52
CA LYS C 38 0.99 37.61 -9.71
C LYS C 38 0.34 37.79 -8.33
N ASN C 39 -0.81 37.13 -8.12
N ASN C 39 -0.72 37.00 -8.11
CA ASN C 39 -1.55 37.26 -6.87
CA ASN C 39 -1.73 37.23 -7.07
C ASN C 39 -1.67 38.73 -6.47
C ASN C 39 -1.69 38.66 -6.53
N SER C 40 -2.16 39.55 -7.40
CA SER C 40 -2.36 40.95 -7.10
C SER C 40 -3.32 41.52 -8.15
N SER C 41 -3.78 42.74 -7.91
CA SER C 41 -4.58 43.42 -8.92
C SER C 41 -4.06 44.84 -9.01
N LYS C 42 -3.05 45.14 -8.21
CA LYS C 42 -2.59 46.51 -8.03
C LYS C 42 -1.16 46.67 -8.51
N ILE C 43 -0.31 45.68 -8.24
CA ILE C 43 1.07 45.79 -8.68
C ILE C 43 1.40 44.76 -9.76
N PRO C 44 1.74 45.25 -10.95
CA PRO C 44 1.96 44.35 -12.09
C PRO C 44 3.30 43.61 -12.03
N VAL C 45 3.39 42.50 -12.75
N VAL C 45 3.39 42.49 -12.72
CA VAL C 45 4.65 41.79 -12.90
CA VAL C 45 4.68 41.81 -12.78
C VAL C 45 5.65 42.72 -13.56
C VAL C 45 5.65 42.74 -13.51
N SER C 46 6.90 42.69 -13.07
CA SER C 46 7.93 43.55 -13.59
C SER C 46 8.24 43.24 -15.05
N LYS C 47 8.77 44.24 -15.76
CA LYS C 47 9.23 44.03 -17.11
C LYS C 47 10.76 44.13 -17.22
N ILE C 48 11.43 44.24 -16.07
CA ILE C 48 12.88 44.09 -16.01
C ILE C 48 13.29 42.71 -16.55
N ILE C 49 14.06 42.70 -17.62
CA ILE C 49 14.41 41.48 -18.36
C ILE C 49 15.31 40.50 -17.57
N GLN C 50 16.06 41.04 -16.62
CA GLN C 50 16.94 40.24 -15.78
C GLN C 50 16.17 39.70 -14.57
N SER C 51 14.89 40.05 -14.45
CA SER C 51 14.09 39.53 -13.33
C SER C 51 13.66 38.08 -13.62
N ARG C 52 13.73 37.22 -12.58
CA ARG C 52 13.46 35.79 -12.74
C ARG C 52 12.05 35.58 -13.29
N ILE C 53 11.09 36.31 -12.73
CA ILE C 53 9.76 36.38 -13.31
C ILE C 53 9.60 37.77 -13.92
N HIS C 54 9.17 37.83 -15.18
CA HIS C 54 8.86 39.13 -15.75
C HIS C 54 7.94 38.99 -16.96
N GLN C 55 7.30 40.08 -17.35
CA GLN C 55 6.45 40.06 -18.54
C GLN C 55 7.28 40.37 -19.78
N ASP C 56 7.11 39.55 -20.80
CA ASP C 56 7.83 39.64 -22.06
C ASP C 56 6.81 39.76 -23.18
N GLU C 57 6.66 40.94 -23.77
CA GLU C 57 5.54 41.21 -24.66
C GLU C 57 4.23 40.83 -23.97
N THR C 58 3.51 39.89 -24.55
CA THR C 58 2.23 39.47 -24.00
C THR C 58 2.39 38.25 -23.08
N TRP C 59 3.62 37.78 -22.91
CA TRP C 59 3.91 36.58 -22.14
C TRP C 59 4.29 36.87 -20.70
N ILE C 60 3.98 35.94 -19.81
CA ILE C 60 4.67 35.94 -18.52
C ILE C 60 5.72 34.84 -18.60
N LEU C 61 6.91 35.14 -18.11
CA LEU C 61 8.09 34.33 -18.33
C LEU C 61 8.81 34.07 -17.02
N PHE C 62 9.09 32.78 -16.75
CA PHE C 62 9.78 32.35 -15.55
C PHE C 62 11.13 31.73 -15.91
N LEU C 63 12.22 32.30 -15.43
CA LEU C 63 13.55 31.79 -15.78
C LEU C 63 14.45 31.55 -14.56
N PRO C 64 14.26 30.42 -13.87
CA PRO C 64 13.20 29.42 -14.06
C PRO C 64 12.03 29.59 -13.11
N MET C 65 10.97 28.86 -13.38
CA MET C 65 9.85 28.73 -12.46
C MET C 65 10.35 27.96 -11.24
N GLU C 66 9.91 28.32 -10.04
CA GLU C 66 10.42 27.67 -8.82
C GLU C 66 9.34 27.42 -7.81
N TRP C 67 9.63 26.51 -6.88
CA TRP C 67 8.70 26.21 -5.80
C TRP C 67 8.29 27.50 -5.09
N GLY C 68 6.98 27.66 -4.89
CA GLY C 68 6.47 28.88 -4.33
C GLY C 68 5.81 29.76 -5.39
N ASP C 69 6.05 29.46 -6.67
CA ASP C 69 5.45 30.24 -7.76
C ASP C 69 4.03 29.80 -8.08
N SER C 70 3.62 28.63 -7.61
CA SER C 70 2.24 28.16 -7.84
C SER C 70 1.20 29.16 -7.37
N GLY C 71 0.17 29.34 -8.18
CA GLY C 71 -0.86 30.29 -7.81
C GLY C 71 -1.80 30.60 -8.94
N VAL C 72 -2.76 31.48 -8.65
CA VAL C 72 -3.60 32.05 -9.69
C VAL C 72 -2.90 33.29 -10.24
N TYR C 73 -2.76 33.35 -11.57
CA TYR C 73 -2.18 34.50 -12.23
C TYR C 73 -3.28 35.20 -13.02
N GLN C 74 -3.18 36.52 -13.16
CA GLN C 74 -4.20 37.29 -13.88
C GLN C 74 -3.59 38.10 -14.98
N CYS C 75 -4.27 38.10 -16.13
CA CYS C 75 -3.87 38.96 -17.22
C CYS C 75 -5.00 39.94 -17.51
N VAL C 76 -4.70 41.23 -17.40
CA VAL C 76 -5.68 42.27 -17.68
C VAL C 76 -5.52 42.81 -19.11
N ILE C 77 -6.55 42.59 -19.91
CA ILE C 77 -6.54 43.04 -21.30
C ILE C 77 -7.43 44.26 -21.48
N LYS C 78 -6.80 45.40 -21.78
CA LYS C 78 -7.52 46.65 -21.95
C LYS C 78 -7.49 47.11 -23.39
N GLY C 79 -8.68 47.34 -23.93
CA GLY C 79 -8.81 47.94 -25.24
C GLY C 79 -9.26 49.36 -25.06
N ARG C 80 -9.65 50.02 -26.16
CA ARG C 80 -10.22 51.36 -26.09
C ARG C 80 -11.41 51.41 -25.15
N ASP C 81 -12.35 50.49 -25.29
CA ASP C 81 -13.58 50.51 -24.52
C ASP C 81 -13.89 49.10 -24.10
N SER C 82 -12.86 48.29 -23.91
CA SER C 82 -13.05 46.92 -23.44
C SER C 82 -12.06 46.57 -22.34
N CYS C 83 -12.51 45.78 -21.37
CA CYS C 83 -11.63 45.29 -20.33
C CYS C 83 -11.95 43.83 -20.00
N HIS C 84 -10.93 42.97 -20.13
CA HIS C 84 -11.06 41.56 -19.78
C HIS C 84 -9.93 41.13 -18.84
N ARG C 85 -10.29 40.37 -17.82
CA ARG C 85 -9.31 39.86 -16.86
C ARG C 85 -9.27 38.35 -16.93
N ILE C 86 -8.18 37.81 -17.45
CA ILE C 86 -8.05 36.38 -17.59
C ILE C 86 -7.37 35.76 -16.39
N HIS C 87 -8.04 34.79 -15.75
CA HIS C 87 -7.49 34.03 -14.64
C HIS C 87 -6.93 32.69 -15.07
N VAL C 88 -5.73 32.37 -14.63
CA VAL C 88 -5.16 31.06 -14.93
C VAL C 88 -4.32 30.54 -13.77
N ASN C 89 -4.49 29.26 -13.46
CA ASN C 89 -3.74 28.59 -12.42
C ASN C 89 -2.45 28.01 -12.97
N LEU C 90 -1.32 28.39 -12.37
CA LEU C 90 -0.03 27.93 -12.82
C LEU C 90 0.58 27.17 -11.67
N THR C 91 1.00 25.94 -11.93
CA THR C 91 1.49 25.06 -10.90
C THR C 91 2.84 24.49 -11.28
N VAL C 92 3.79 24.64 -10.38
CA VAL C 92 5.12 24.13 -10.60
C VAL C 92 5.30 22.84 -9.77
N PHE C 93 6.03 21.86 -10.31
CA PHE C 93 6.48 20.72 -9.47
C PHE C 93 8.00 20.72 -9.53
N GLU C 94 8.63 20.11 -8.53
CA GLU C 94 10.07 20.25 -8.36
C GLU C 94 10.94 19.25 -9.12
N LYS C 95 10.48 18.00 -9.26
CA LYS C 95 11.41 16.98 -9.71
C LYS C 95 11.02 16.40 -11.05
N HIS C 96 12.02 15.85 -11.75
CA HIS C 96 11.81 15.19 -13.02
C HIS C 96 11.82 13.66 -12.85
N TRP C 97 11.00 12.99 -13.63
CA TRP C 97 10.85 11.53 -13.56
C TRP C 97 12.16 10.73 -13.61
N CYS C 98 13.13 11.15 -14.42
CA CYS C 98 14.35 10.32 -14.61
C CYS C 98 15.33 10.46 -13.41
N ASP C 99 15.11 11.51 -12.63
CA ASP C 99 15.86 11.74 -11.42
C ASP C 99 15.24 11.00 -10.23
N THR C 100 13.90 11.06 -10.11
CA THR C 100 13.18 10.48 -8.97
C THR C 100 11.68 10.51 -9.23
N SER C 101 10.93 9.66 -8.52
CA SER C 101 9.48 9.65 -8.66
C SER C 101 8.85 10.57 -7.63
N ILE C 102 9.67 11.04 -6.71
CA ILE C 102 9.20 11.88 -5.62
C ILE C 102 9.02 13.35 -6.05
N GLY C 103 8.05 14.05 -5.48
CA GLY C 103 7.88 15.48 -5.76
C GLY C 103 7.86 15.89 -7.23
N GLY C 104 7.36 15.02 -8.09
CA GLY C 104 7.28 15.31 -9.51
C GLY C 104 5.87 15.60 -10.00
N LEU C 105 5.63 15.39 -11.29
CA LEU C 105 4.33 15.67 -11.93
C LEU C 105 3.19 15.17 -11.04
N PRO C 106 2.34 16.09 -10.58
CA PRO C 106 1.36 15.70 -9.55
C PRO C 106 0.13 14.98 -10.11
N ASN C 107 -0.17 15.20 -11.38
CA ASN C 107 -1.20 14.44 -12.05
C ASN C 107 -0.94 14.45 -13.54
N LEU C 108 -1.43 13.42 -14.22
CA LEU C 108 -1.10 13.21 -15.62
C LEU C 108 -2.12 13.90 -16.53
N SER C 109 -2.00 15.21 -16.68
CA SER C 109 -2.93 15.96 -17.52
C SER C 109 -2.72 15.67 -19.00
N ASP C 110 -3.60 16.21 -19.84
CA ASP C 110 -3.61 15.87 -21.26
C ASP C 110 -2.34 16.33 -21.96
N GLU C 111 -1.65 17.27 -21.34
CA GLU C 111 -0.45 17.86 -21.91
C GLU C 111 0.77 16.95 -21.70
N TYR C 112 0.60 15.90 -20.90
CA TYR C 112 1.69 14.99 -20.61
C TYR C 112 1.38 13.59 -21.16
N LYS C 113 0.31 13.51 -21.94
CA LYS C 113 -0.11 12.27 -22.59
C LYS C 113 -0.07 12.45 -24.11
N GLN C 114 0.48 11.46 -24.79
CA GLN C 114 0.41 11.43 -26.25
C GLN C 114 0.19 9.99 -26.72
N ILE C 115 -0.20 9.85 -27.99
CA ILE C 115 -0.55 8.55 -28.53
C ILE C 115 0.28 8.21 -29.77
N LEU C 116 0.78 6.98 -29.82
CA LEU C 116 1.41 6.41 -30.99
C LEU C 116 0.56 5.26 -31.55
N HIS C 117 0.06 5.43 -32.77
CA HIS C 117 -0.84 4.44 -33.36
C HIS C 117 -0.06 3.25 -33.95
N LEU C 118 -0.42 2.05 -33.51
CA LEU C 118 0.28 0.83 -33.88
C LEU C 118 0.33 0.57 -35.39
N GLY C 119 1.45 0.03 -35.85
CA GLY C 119 1.62 -0.33 -37.25
C GLY C 119 1.59 0.82 -38.25
N LYS C 120 1.70 2.05 -37.75
CA LYS C 120 1.64 3.21 -38.63
C LYS C 120 2.84 4.13 -38.43
N ASP C 121 2.93 5.14 -39.28
CA ASP C 121 3.98 6.14 -39.14
C ASP C 121 3.42 7.33 -38.38
N ASP C 122 3.75 7.39 -37.09
CA ASP C 122 3.19 8.41 -36.23
C ASP C 122 4.28 9.37 -35.75
N SER C 123 3.97 10.18 -34.76
CA SER C 123 4.96 11.09 -34.21
C SER C 123 4.63 11.53 -32.79
N LEU C 124 5.65 12.04 -32.10
CA LEU C 124 5.44 12.71 -30.81
C LEU C 124 5.82 14.16 -30.96
N THR C 125 5.26 15.00 -30.10
CA THR C 125 5.55 16.43 -30.18
C THR C 125 6.11 16.97 -28.87
N CYS C 126 7.23 17.70 -28.95
CA CYS C 126 7.78 18.40 -27.80
C CYS C 126 7.17 19.80 -27.68
N HIS C 127 6.23 19.96 -26.76
CA HIS C 127 5.50 21.22 -26.61
C HIS C 127 6.32 22.28 -25.86
N LEU C 128 6.78 23.27 -26.60
CA LEU C 128 7.62 24.33 -26.06
C LEU C 128 7.00 25.70 -26.40
N HIS C 129 6.37 26.33 -25.42
CA HIS C 129 5.72 27.61 -25.67
C HIS C 129 6.48 28.75 -24.96
N PHE C 130 7.14 29.59 -25.75
CA PHE C 130 7.95 30.66 -25.20
C PHE C 130 7.93 31.91 -26.08
N PRO C 131 8.08 33.09 -25.48
CA PRO C 131 8.22 34.32 -26.28
C PRO C 131 9.42 34.25 -27.21
N LYS C 132 9.42 35.04 -28.28
CA LYS C 132 10.44 34.94 -29.32
C LYS C 132 11.82 35.26 -28.80
N SER C 133 11.89 36.02 -27.71
CA SER C 133 13.15 36.27 -27.04
C SER C 133 13.85 34.98 -26.60
N CYS C 134 13.09 33.91 -26.42
CA CYS C 134 13.68 32.62 -26.03
C CYS C 134 13.96 31.75 -27.25
N VAL C 135 15.24 31.53 -27.53
CA VAL C 135 15.65 30.76 -28.69
C VAL C 135 15.88 29.30 -28.34
N LEU C 136 15.15 28.41 -29.01
CA LEU C 136 15.22 26.99 -28.69
C LEU C 136 16.18 26.25 -29.62
N GLY C 137 17.15 25.57 -29.02
CA GLY C 137 18.08 24.74 -29.76
C GLY C 137 17.44 23.46 -30.28
N PRO C 138 18.28 22.52 -30.72
CA PRO C 138 17.77 21.24 -31.23
C PRO C 138 17.26 20.38 -30.08
N ILE C 139 16.30 19.51 -30.38
CA ILE C 139 15.65 18.74 -29.34
C ILE C 139 16.16 17.30 -29.28
N LYS C 140 16.56 16.88 -28.08
CA LYS C 140 16.97 15.50 -27.82
C LYS C 140 15.80 14.69 -27.24
N TRP C 141 15.69 13.44 -27.66
CA TRP C 141 14.58 12.61 -27.25
C TRP C 141 15.06 11.41 -26.44
N TYR C 142 14.24 11.06 -25.44
CA TYR C 142 14.57 9.95 -24.53
C TYR C 142 13.39 9.02 -24.39
N LYS C 143 13.68 7.74 -24.21
CA LYS C 143 12.69 6.71 -23.97
C LYS C 143 13.10 5.92 -22.71
N ASP C 144 12.26 5.96 -21.67
CA ASP C 144 12.61 5.42 -20.36
C ASP C 144 13.97 5.91 -19.91
N CYS C 145 14.20 7.21 -20.08
CA CYS C 145 15.37 7.92 -19.56
C CYS C 145 16.67 7.54 -20.25
N ASN C 146 16.57 6.92 -21.42
CA ASN C 146 17.75 6.66 -22.24
C ASN C 146 17.59 7.39 -23.56
N GLU C 147 18.69 7.90 -24.11
CA GLU C 147 18.61 8.64 -25.36
C GLU C 147 18.15 7.71 -26.48
N ILE C 148 17.19 8.16 -27.27
CA ILE C 148 16.68 7.39 -28.41
C ILE C 148 17.59 7.45 -29.63
N LYS C 149 18.02 6.27 -30.10
CA LYS C 149 18.76 6.14 -31.35
C LYS C 149 18.29 4.91 -32.15
N GLY C 150 17.97 5.13 -33.42
CA GLY C 150 17.44 4.07 -34.24
C GLY C 150 16.99 4.60 -35.59
N GLU C 151 16.91 3.70 -36.58
CA GLU C 151 16.54 4.08 -37.93
C GLU C 151 15.08 4.47 -38.01
N ARG C 152 14.26 3.84 -37.18
CA ARG C 152 12.83 4.14 -37.14
C ARG C 152 12.56 5.52 -36.55
N PHE C 153 13.58 6.14 -35.99
CA PHE C 153 13.39 7.38 -35.24
C PHE C 153 14.14 8.53 -35.86
N THR C 154 13.40 9.60 -36.11
CA THR C 154 13.94 10.74 -36.81
C THR C 154 13.49 12.03 -36.15
N VAL C 155 14.47 12.90 -35.86
CA VAL C 155 14.17 14.20 -35.29
C VAL C 155 13.89 15.21 -36.40
N LEU C 156 12.64 15.67 -36.47
CA LEU C 156 12.27 16.72 -37.42
C LEU C 156 11.71 17.93 -36.68
N GLU C 157 12.58 18.92 -36.49
N GLU C 157 12.57 18.94 -36.49
CA GLU C 157 12.24 20.14 -35.75
CA GLU C 157 12.22 20.14 -35.75
C GLU C 157 11.71 19.86 -34.34
C GLU C 157 11.71 19.84 -34.34
N THR C 158 10.40 19.97 -34.18
CA THR C 158 9.77 19.86 -32.88
C THR C 158 9.19 18.46 -32.65
N ARG C 159 9.03 17.70 -33.73
N ARG C 159 9.03 17.70 -33.73
CA ARG C 159 8.48 16.35 -33.61
CA ARG C 159 8.47 16.36 -33.64
C ARG C 159 9.53 15.26 -33.62
C ARG C 159 9.52 15.25 -33.65
N LEU C 160 9.15 14.10 -33.11
CA LEU C 160 9.96 12.90 -33.23
C LEU C 160 9.16 11.97 -34.10
N LEU C 161 9.66 11.70 -35.29
CA LEU C 161 8.94 10.85 -36.22
C LEU C 161 9.22 9.38 -35.89
N VAL C 162 8.17 8.58 -35.75
CA VAL C 162 8.32 7.15 -35.49
C VAL C 162 7.66 6.35 -36.62
N SER C 163 8.49 5.72 -37.44
CA SER C 163 7.97 4.92 -38.54
C SER C 163 7.69 3.51 -38.05
N ASN C 164 6.59 2.93 -38.53
CA ASN C 164 6.20 1.57 -38.21
C ASN C 164 6.11 1.32 -36.70
N VAL C 165 5.27 2.13 -36.04
CA VAL C 165 5.09 2.07 -34.60
C VAL C 165 4.84 0.65 -34.09
N SER C 166 5.70 0.19 -33.20
CA SER C 166 5.61 -1.15 -32.66
C SER C 166 4.98 -1.16 -31.27
N ALA C 167 4.69 -2.34 -30.77
CA ALA C 167 4.02 -2.49 -29.49
C ALA C 167 4.88 -1.93 -28.37
N GLU C 168 6.20 -2.06 -28.52
CA GLU C 168 7.12 -1.66 -27.48
C GLU C 168 7.44 -0.17 -27.50
N ASP C 169 6.86 0.59 -28.42
CA ASP C 169 7.05 2.04 -28.44
C ASP C 169 6.23 2.77 -27.36
N ARG C 170 5.44 2.02 -26.59
CA ARG C 170 4.71 2.62 -25.47
C ARG C 170 5.69 2.93 -24.31
N GLY C 171 5.24 3.73 -23.36
CA GLY C 171 6.02 3.92 -22.15
C GLY C 171 6.31 5.37 -21.81
N ASN C 172 7.44 5.57 -21.13
CA ASN C 172 7.80 6.90 -20.70
C ASN C 172 8.78 7.59 -21.65
N TYR C 173 8.47 8.81 -22.06
CA TYR C 173 9.34 9.56 -22.96
C TYR C 173 9.71 10.90 -22.35
N ALA C 174 10.80 11.48 -22.86
CA ALA C 174 11.12 12.86 -22.51
C ALA C 174 11.77 13.60 -23.68
N CYS C 175 11.41 14.87 -23.88
CA CYS C 175 12.09 15.69 -24.87
C CYS C 175 12.83 16.83 -24.16
N GLN C 176 14.05 17.09 -24.61
CA GLN C 176 14.92 18.06 -23.98
C GLN C 176 15.40 19.12 -24.98
N ALA C 177 15.31 20.39 -24.59
CA ALA C 177 15.75 21.48 -25.46
C ALA C 177 16.61 22.46 -24.67
N ILE C 178 17.59 23.05 -25.33
CA ILE C 178 18.31 24.15 -24.72
C ILE C 178 17.59 25.45 -25.08
N LEU C 179 17.31 26.26 -24.07
CA LEU C 179 16.70 27.57 -24.27
C LEU C 179 17.76 28.63 -24.02
N THR C 180 17.92 29.51 -25.00
CA THR C 180 18.84 30.64 -24.89
C THR C 180 18.08 31.95 -24.79
N HIS C 181 18.37 32.71 -23.75
CA HIS C 181 17.68 33.95 -23.51
C HIS C 181 18.63 34.97 -22.93
N SER C 182 18.74 36.11 -23.61
CA SER C 182 19.56 37.21 -23.13
C SER C 182 21.00 36.76 -22.81
N GLY C 183 21.59 35.98 -23.71
CA GLY C 183 22.94 35.49 -23.51
C GLY C 183 23.15 34.32 -22.55
N LYS C 184 22.09 33.85 -21.89
CA LYS C 184 22.26 32.74 -20.96
C LYS C 184 21.48 31.49 -21.43
N GLN C 185 21.99 30.32 -21.07
CA GLN C 185 21.35 29.08 -21.50
C GLN C 185 20.65 28.34 -20.35
N TYR C 186 19.50 27.76 -20.65
CA TYR C 186 18.70 27.05 -19.65
C TYR C 186 18.25 25.72 -20.24
N GLU C 187 18.03 24.73 -19.39
CA GLU C 187 17.57 23.45 -19.86
C GLU C 187 16.07 23.30 -19.69
N VAL C 188 15.39 22.82 -20.74
CA VAL C 188 13.96 22.52 -20.66
C VAL C 188 13.75 21.02 -20.89
N LEU C 189 13.13 20.35 -19.91
CA LEU C 189 12.90 18.91 -19.97
C LEU C 189 11.44 18.58 -19.73
N ASN C 190 10.80 17.96 -20.72
CA ASN C 190 9.37 17.62 -20.68
C ASN C 190 9.11 16.12 -20.79
N GLY C 191 8.38 15.57 -19.83
CA GLY C 191 8.07 14.15 -19.82
C GLY C 191 6.76 13.87 -20.53
N ILE C 192 6.61 12.65 -21.01
CA ILE C 192 5.39 12.23 -21.69
C ILE C 192 5.09 10.76 -21.38
N THR C 193 3.84 10.47 -21.05
CA THR C 193 3.39 9.09 -21.01
C THR C 193 2.76 8.76 -22.36
N VAL C 194 3.36 7.81 -23.07
CA VAL C 194 2.89 7.47 -24.40
C VAL C 194 2.24 6.09 -24.39
N SER C 195 1.08 5.99 -25.03
CA SER C 195 0.39 4.72 -25.16
C SER C 195 -0.18 4.56 -26.58
N HIS C 196 -0.77 3.38 -26.83
CA HIS C 196 -1.38 3.09 -28.12
C HIS C 196 -2.88 3.36 -28.07
N HIS C 197 -3.46 3.23 -26.87
CA HIS C 197 -4.87 3.50 -26.63
C HIS C 197 -5.79 2.64 -27.52
C1 NAG D . 0.47 35.43 -28.03
C2 NAG D . 0.53 34.96 -29.48
C3 NAG D . 0.38 36.15 -30.43
C4 NAG D . -0.79 37.04 -30.06
C5 NAG D . -0.83 37.33 -28.56
C6 NAG D . -2.11 38.01 -28.12
C7 NAG D . 1.78 32.92 -30.06
C8 NAG D . 3.12 32.34 -30.34
N2 NAG D . 1.74 34.24 -29.76
O3 NAG D . 0.21 35.67 -31.76
O4 NAG D . -0.59 38.29 -30.72
O5 NAG D . -0.73 36.12 -27.80
O6 NAG D . -1.88 38.92 -27.06
O7 NAG D . 0.75 32.25 -30.07
C1 NAG D . -1.71 38.72 -31.49
C2 NAG D . -1.32 40.09 -32.05
C3 NAG D . -2.40 40.65 -32.96
C4 NAG D . -2.75 39.64 -34.03
C5 NAG D . -3.13 38.31 -33.39
C6 NAG D . -3.44 37.23 -34.39
C7 NAG D . 0.21 41.27 -30.53
C8 NAG D . 0.33 42.24 -29.39
N2 NAG D . -1.03 41.02 -30.95
O3 NAG D . -1.91 41.84 -33.55
O4 NAG D . -3.83 40.13 -34.84
O5 NAG D . -2.04 37.85 -32.59
O6 NAG D . -2.45 36.21 -34.35
O7 NAG D . 1.19 40.73 -31.04
NA NA E . 8.44 15.56 -15.63
C1 NAG F . -7.49 27.44 -9.37
C2 NAG F . -8.52 26.36 -9.56
C3 NAG F . -9.72 26.66 -8.66
C4 NAG F . -9.28 26.74 -7.22
C5 NAG F . -8.10 27.71 -7.03
C6 NAG F . -7.45 27.56 -5.68
C7 NAG F . -8.53 25.24 -11.76
C8 NAG F . -7.57 24.25 -11.14
N2 NAG F . -8.93 26.24 -10.94
O3 NAG F . -10.68 25.61 -8.81
O4 NAG F . -10.37 27.16 -6.39
O5 NAG F . -7.06 27.48 -8.00
O6 NAG F . -7.17 28.81 -5.07
O7 NAG F . -8.90 25.15 -12.92
#